data_7SHE
#
_entry.id   7SHE
#
_cell.length_a   1.00
_cell.length_b   1.00
_cell.length_c   1.00
_cell.angle_alpha   90.00
_cell.angle_beta   90.00
_cell.angle_gamma   90.00
#
_symmetry.space_group_name_H-M   'P 1'
#
loop_
_entity.id
_entity.type
_entity.pdbx_description
1 polymer 'G-protein coupled receptor 158'
2 non-polymer 1,2-dioleoyl-sn-glycero-3-phosphoethanolamine
3 non-polymer '(2S)-1-{[(S)-hydroxy{[(1s,2R,3R,4R,5S,6S)-2,3,4,5,6-pentahydroxycyclohexyl]oxy}phosphoryl]oxy}-3-(octadecanoyloxy)propan-2-yl (5E,8E,11E,14E)-icosa-5,8,11,14-tetraenoate'
4 non-polymer CHOLESTEROL
#
_entity_poly.entity_id   1
_entity_poly.type   'polypeptide(L)'
_entity_poly.pdbx_seq_one_letter_code
;MGAMAYPLLLCLLLAQLGLGAVGASRDPQGRPDSPRERTPKGKPHAQQPGRASASDSSAPWSRSTDGTILAQKLAEEVPM
DVASYLYTGDSHQLKRANCSGRYELAGLPGKWPALASAHPSLHRALDTLTHATNFLNVMLQSNKSREQNLQDDLDWYQAL
VWSLLEGEPSISRAAITFSTDSLSAPAPQVFLQATREESRILLQDLSSSAPHLANATLETEWFHGLRRKWRPHLHRRGPN
QGPRGLGHSWRRKDGLGGDKSHFKWSPPYLECENGSYKPGWLVTLSSAIYGLQPNLVPEFRGVMKVDINLQKVDIDQCSS
DGWFSGTHKCHLNNSECMPIKGLGFVLGAYECICKAGFYHPGVLPVNNFRRRGPDQHISGSTKDVSEEAYVCLPCREGCP
FCADDSPCFVQEDKYLRLAIISFQALCMLLDFVSMLVVYHFRKAKSIRASGLILLETILFGSLLLYFPVVILYFEPSTFR
CILLRWARLLGFATVYGTVTLKLHRVLKVFLSRTAQRIPYMTGGRVMRMLAVILLVVFWFLIGWTSSVCQNLEKQISLIG
QGKTSDHLIFNMCLIDRWDYMTAVAEFLFLLWGVYLCYAVRTVPSAFHEPRYMAVAVHNELIISAIFHTIRFVLASRLQS
DWMLMLYFAHTHLTVTVTIGLLLIPKFSHSSNNPRDDIATEAYEDELDMGRSGSYLNSSINSAWSEHSLDPEDIRDELKK
LYAQLEIYKRKKMITNNPHLQKKRCSKKGLGRSIMRRITEIPETVSRQCSKEDKELEVLFQ
;
_entity_poly.pdbx_strand_id   A,B
#
# COMPACT_ATOMS: atom_id res chain seq x y z
N ASP A 66 -34.99 11.10 13.80
CA ASP A 66 -36.21 11.90 13.75
C ASP A 66 -36.65 12.13 12.31
N GLY A 67 -35.68 12.38 11.43
CA GLY A 67 -36.00 12.58 10.03
C GLY A 67 -36.58 11.34 9.37
N THR A 68 -36.02 10.17 9.70
CA THR A 68 -36.53 8.92 9.13
C THR A 68 -37.96 8.65 9.58
N ILE A 69 -38.26 8.90 10.85
CA ILE A 69 -39.60 8.65 11.38
C ILE A 69 -40.64 9.57 10.73
N LEU A 70 -40.24 10.74 10.26
CA LEU A 70 -41.16 11.71 9.68
C LEU A 70 -41.90 11.17 8.47
N ALA A 71 -41.30 10.28 7.68
CA ALA A 71 -41.98 9.72 6.54
C ALA A 71 -43.11 8.78 6.97
N GLN A 72 -42.83 7.89 7.92
CA GLN A 72 -43.88 7.00 8.41
C GLN A 72 -44.96 7.75 9.16
N LYS A 73 -44.59 8.84 9.87
CA LYS A 73 -45.60 9.62 10.57
C LYS A 73 -46.59 10.26 9.59
N LEU A 74 -46.08 10.79 8.47
CA LEU A 74 -46.95 11.40 7.47
C LEU A 74 -47.58 10.38 6.52
N ALA A 75 -47.13 9.12 6.55
CA ALA A 75 -47.74 8.09 5.71
C ALA A 75 -49.24 8.00 5.97
N GLU A 76 -49.64 7.98 7.24
CA GLU A 76 -51.06 8.01 7.58
C GLU A 76 -51.66 9.40 7.44
N GLU A 77 -50.84 10.45 7.45
CA GLU A 77 -51.37 11.79 7.24
C GLU A 77 -51.80 12.00 5.79
N VAL A 78 -51.19 11.29 4.86
CA VAL A 78 -51.62 11.30 3.46
C VAL A 78 -51.87 9.86 3.01
N PRO A 79 -52.98 9.25 3.42
CA PRO A 79 -53.24 7.86 3.03
C PRO A 79 -53.62 7.76 1.56
N MET A 80 -53.59 6.52 1.06
CA MET A 80 -53.97 6.17 -0.31
C MET A 80 -52.90 6.64 -1.28
N ASP A 81 -51.92 7.41 -0.79
CA ASP A 81 -50.81 7.87 -1.61
C ASP A 81 -49.51 7.13 -1.32
N VAL A 82 -49.41 6.44 -0.18
CA VAL A 82 -48.21 5.65 0.11
C VAL A 82 -48.07 4.52 -0.91
N ALA A 83 -49.18 3.86 -1.24
CA ALA A 83 -49.16 2.87 -2.31
C ALA A 83 -48.80 3.48 -3.65
N SER A 84 -49.16 4.75 -3.88
CA SER A 84 -48.75 5.45 -5.08
C SER A 84 -47.28 5.84 -5.07
N TYR A 85 -46.65 5.83 -3.89
CA TYR A 85 -45.23 6.14 -3.80
C TYR A 85 -44.38 4.94 -4.17
N LEU A 86 -44.52 3.84 -3.42
CA LEU A 86 -43.74 2.64 -3.70
C LEU A 86 -44.12 2.05 -5.05
N TYR A 87 -45.40 2.03 -5.37
CA TYR A 87 -45.90 1.51 -6.64
C TYR A 87 -46.39 2.69 -7.46
N THR A 88 -45.55 3.13 -8.42
CA THR A 88 -45.91 4.26 -9.27
C THR A 88 -47.06 3.90 -10.20
N GLY A 89 -47.30 2.61 -10.44
CA GLY A 89 -48.37 2.15 -11.28
C GLY A 89 -49.69 1.96 -10.59
N ASP A 90 -49.82 2.37 -9.33
CA ASP A 90 -51.07 2.20 -8.60
C ASP A 90 -52.15 3.16 -9.10
N SER A 91 -51.81 4.11 -9.95
CA SER A 91 -52.77 5.13 -10.36
C SER A 91 -53.90 4.55 -11.21
N HIS A 92 -53.61 3.54 -12.04
CA HIS A 92 -54.60 3.08 -13.00
C HIS A 92 -55.78 2.36 -12.36
N GLN A 93 -55.55 1.78 -11.20
CA GLN A 93 -56.73 1.17 -10.57
C GLN A 93 -57.34 2.35 -9.84
N LEU A 94 -56.47 3.23 -9.33
CA LEU A 94 -56.99 4.33 -8.50
C LEU A 94 -58.14 4.97 -9.26
N LYS A 95 -59.33 4.92 -8.65
CA LYS A 95 -60.52 5.38 -9.38
C LYS A 95 -61.06 6.71 -8.83
N ARG A 96 -61.55 6.72 -7.60
CA ARG A 96 -62.25 7.94 -7.11
C ARG A 96 -61.40 8.84 -6.23
N ALA A 97 -62.00 9.55 -5.26
CA ALA A 97 -61.38 10.56 -4.36
C ALA A 97 -61.85 11.93 -4.83
N ASN A 98 -61.97 12.91 -3.90
CA ASN A 98 -62.36 14.29 -4.31
C ASN A 98 -61.30 14.84 -5.26
N CYS A 99 -60.03 14.65 -4.89
CA CYS A 99 -58.91 15.05 -5.79
C CYS A 99 -57.73 14.12 -5.55
N SER A 100 -56.58 14.70 -5.24
CA SER A 100 -55.38 13.94 -4.89
C SER A 100 -54.41 14.86 -4.14
N GLY A 101 -53.16 14.43 -3.95
CA GLY A 101 -52.17 15.18 -3.16
C GLY A 101 -52.22 16.68 -3.27
N ARG A 102 -52.28 17.30 -2.12
CA ARG A 102 -52.18 18.77 -2.12
C ARG A 102 -50.83 19.19 -1.50
N TYR A 103 -50.24 18.28 -0.68
CA TYR A 103 -49.02 18.89 -0.16
C TYR A 103 -48.19 17.83 0.54
N GLU A 104 -46.87 18.01 0.50
CA GLU A 104 -45.92 17.16 1.20
C GLU A 104 -44.96 18.02 1.98
N LEU A 105 -44.68 17.63 3.23
CA LEU A 105 -43.78 18.38 4.10
C LEU A 105 -42.33 18.06 3.73
N ALA A 106 -41.86 18.70 2.66
CA ALA A 106 -40.51 18.54 2.17
C ALA A 106 -39.55 19.58 2.74
N GLY A 107 -39.95 20.30 3.79
CA GLY A 107 -39.12 21.37 4.31
C GLY A 107 -37.98 20.95 5.21
N LEU A 108 -37.85 19.65 5.50
CA LEU A 108 -36.78 19.19 6.38
C LEU A 108 -35.39 19.47 5.81
N PRO A 109 -35.07 19.15 4.56
CA PRO A 109 -33.76 19.60 4.02
C PRO A 109 -33.75 21.10 3.74
N GLY A 110 -34.84 21.62 3.18
CA GLY A 110 -34.95 23.03 2.90
C GLY A 110 -36.32 23.32 2.33
N LYS A 111 -36.60 24.61 2.14
CA LYS A 111 -37.88 25.01 1.53
C LYS A 111 -38.03 24.39 0.15
N TRP A 112 -37.01 24.52 -0.69
CA TRP A 112 -36.89 23.83 -1.96
C TRP A 112 -35.42 23.78 -2.30
N PRO A 113 -34.94 22.68 -2.91
CA PRO A 113 -33.49 22.48 -3.05
C PRO A 113 -32.80 23.55 -3.87
N ALA A 114 -31.93 24.32 -3.22
CA ALA A 114 -31.03 25.21 -3.95
C ALA A 114 -29.87 24.40 -4.50
N LEU A 115 -29.54 24.62 -5.77
CA LEU A 115 -28.62 23.77 -6.51
C LEU A 115 -29.09 22.32 -6.46
N ALA A 116 -30.32 22.12 -6.92
CA ALA A 116 -30.97 20.82 -6.83
C ALA A 116 -30.26 19.79 -7.69
N SER A 117 -30.21 18.55 -7.21
CA SER A 117 -29.61 17.45 -7.96
C SER A 117 -30.58 16.83 -8.96
N ALA A 118 -31.71 17.48 -9.24
CA ALA A 118 -32.70 16.94 -10.15
C ALA A 118 -32.38 17.28 -11.59
N HIS A 119 -31.15 16.97 -12.02
CA HIS A 119 -30.64 17.23 -13.37
C HIS A 119 -30.17 18.66 -13.61
N PRO A 120 -30.22 19.15 -14.86
CA PRO A 120 -29.89 20.56 -15.10
C PRO A 120 -31.25 21.04 -15.60
N SER A 121 -32.23 20.14 -15.74
CA SER A 121 -33.54 20.52 -16.25
C SER A 121 -34.20 21.57 -15.36
N LEU A 122 -34.10 21.39 -14.04
CA LEU A 122 -34.67 22.37 -13.12
C LEU A 122 -34.00 23.74 -13.25
N HIS A 123 -32.67 23.74 -13.37
CA HIS A 123 -31.93 25.00 -13.46
C HIS A 123 -31.99 25.65 -14.84
N ARG A 124 -32.37 24.90 -15.87
CA ARG A 124 -32.41 25.41 -17.23
C ARG A 124 -33.82 25.77 -17.69
N ALA A 125 -34.84 25.13 -17.13
CA ALA A 125 -36.21 25.54 -17.43
C ALA A 125 -36.53 26.90 -16.83
N LEU A 126 -35.85 27.27 -15.74
CA LEU A 126 -36.05 28.58 -15.14
C LEU A 126 -35.52 29.68 -16.06
N ASP A 127 -34.47 29.38 -16.83
CA ASP A 127 -33.89 30.37 -17.74
C ASP A 127 -34.90 30.80 -18.79
N THR A 128 -35.66 29.85 -19.34
CA THR A 128 -36.64 30.16 -20.37
C THR A 128 -37.69 31.15 -19.85
N LEU A 129 -38.14 30.97 -18.61
CA LEU A 129 -39.13 31.88 -18.05
C LEU A 129 -38.50 33.23 -17.69
N THR A 130 -37.28 33.22 -17.12
CA THR A 130 -36.71 34.48 -16.65
C THR A 130 -36.33 35.38 -17.82
N HIS A 131 -35.80 34.81 -18.90
CA HIS A 131 -35.43 35.64 -20.04
C HIS A 131 -36.62 36.02 -20.90
N ALA A 132 -37.78 35.42 -20.68
CA ALA A 132 -39.02 35.91 -21.26
C ALA A 132 -39.67 36.98 -20.41
N THR A 133 -39.54 36.89 -19.08
CA THR A 133 -40.00 37.97 -18.22
C THR A 133 -39.16 39.24 -18.42
N ASN A 134 -37.84 39.09 -18.58
CA ASN A 134 -37.02 40.26 -18.88
C ASN A 134 -37.40 40.87 -20.23
N PHE A 135 -37.75 40.02 -21.19
CA PHE A 135 -38.30 40.53 -22.44
C PHE A 135 -39.58 41.31 -22.19
N LEU A 136 -40.45 40.77 -21.34
CA LEU A 136 -41.62 41.52 -20.90
C LEU A 136 -41.26 42.67 -19.97
N ASN A 137 -40.09 42.62 -19.33
CA ASN A 137 -39.62 43.72 -18.50
C ASN A 137 -38.84 44.74 -19.30
N VAL A 138 -39.42 45.20 -20.42
CA VAL A 138 -38.85 46.26 -21.26
C VAL A 138 -39.89 47.33 -21.56
N MET A 139 -41.04 46.93 -22.11
CA MET A 139 -42.09 47.85 -22.52
C MET A 139 -42.99 48.30 -21.39
N LEU A 140 -42.74 47.85 -20.15
CA LEU A 140 -43.42 48.42 -19.01
C LEU A 140 -43.19 49.94 -18.94
N GLN A 141 -42.04 50.40 -19.42
CA GLN A 141 -41.72 51.83 -19.42
C GLN A 141 -41.60 52.40 -20.83
N SER A 142 -41.91 51.61 -21.87
CA SER A 142 -41.80 52.08 -23.24
C SER A 142 -42.83 53.17 -23.52
N ASN A 143 -42.36 54.27 -24.11
CA ASN A 143 -43.26 55.37 -24.43
C ASN A 143 -44.21 54.98 -25.54
N LYS A 144 -45.46 55.47 -25.44
CA LYS A 144 -46.55 55.27 -26.39
C LYS A 144 -47.00 53.82 -26.46
N SER A 145 -46.41 52.91 -25.67
CA SER A 145 -46.76 51.50 -25.71
C SER A 145 -47.96 51.27 -24.80
N ARG A 146 -49.11 51.80 -25.24
CA ARG A 146 -50.38 51.60 -24.57
C ARG A 146 -51.36 50.79 -25.40
N GLU A 147 -51.65 51.24 -26.62
CA GLU A 147 -52.48 50.51 -27.59
C GLU A 147 -53.85 50.19 -26.99
N GLN A 148 -54.58 49.25 -27.60
CA GLN A 148 -55.91 48.87 -27.12
C GLN A 148 -56.10 47.36 -27.19
N ASN A 149 -55.01 46.60 -27.08
CA ASN A 149 -55.04 45.14 -27.19
C ASN A 149 -55.63 44.71 -28.55
N LEU A 150 -54.93 45.11 -29.61
CA LEU A 150 -55.35 44.78 -30.96
C LEU A 150 -55.08 43.30 -31.25
N GLN A 151 -55.55 42.85 -32.42
CA GLN A 151 -55.35 41.46 -32.83
C GLN A 151 -53.88 41.14 -33.10
N ASP A 152 -53.12 42.10 -33.60
CA ASP A 152 -51.69 41.89 -33.83
C ASP A 152 -50.91 41.90 -32.52
N ASP A 153 -51.32 42.74 -31.57
CA ASP A 153 -50.70 42.74 -30.25
C ASP A 153 -50.89 41.40 -29.55
N LEU A 154 -52.07 40.79 -29.74
CA LEU A 154 -52.37 39.54 -29.07
C LEU A 154 -51.56 38.37 -29.64
N ASP A 155 -51.31 38.40 -30.95
CA ASP A 155 -50.57 37.32 -31.60
C ASP A 155 -49.14 37.24 -31.07
N TRP A 156 -48.54 38.38 -30.74
CA TRP A 156 -47.19 38.35 -30.19
C TRP A 156 -47.17 37.63 -28.85
N TYR A 157 -48.14 37.93 -27.97
CA TYR A 157 -48.23 37.24 -26.69
C TYR A 157 -48.46 35.75 -26.88
N GLN A 158 -49.29 35.37 -27.87
CA GLN A 158 -49.45 33.95 -28.15
C GLN A 158 -48.13 33.31 -28.59
N ALA A 159 -47.35 34.04 -29.39
CA ALA A 159 -46.03 33.55 -29.78
C ALA A 159 -45.13 33.39 -28.57
N LEU A 160 -45.22 34.30 -27.59
CA LEU A 160 -44.43 34.15 -26.37
C LEU A 160 -44.70 32.81 -25.70
N VAL A 161 -45.97 32.50 -25.44
CA VAL A 161 -46.27 31.27 -24.72
C VAL A 161 -45.90 30.05 -25.57
N TRP A 162 -46.07 30.13 -26.89
CA TRP A 162 -45.67 28.99 -27.72
C TRP A 162 -44.17 28.76 -27.60
N SER A 163 -43.39 29.84 -27.56
CA SER A 163 -41.94 29.71 -27.38
C SER A 163 -41.59 29.11 -26.03
N LEU A 164 -42.29 29.54 -24.96
CA LEU A 164 -42.04 28.94 -23.65
C LEU A 164 -42.32 27.44 -23.64
N LEU A 165 -43.44 27.02 -24.23
CA LEU A 165 -43.70 25.58 -24.25
C LEU A 165 -42.67 24.82 -25.08
N GLU A 166 -42.24 25.37 -26.22
CA GLU A 166 -41.29 24.62 -27.02
C GLU A 166 -39.85 24.79 -26.56
N GLY A 167 -39.60 25.61 -25.53
CA GLY A 167 -38.24 25.80 -25.05
C GLY A 167 -37.70 24.68 -24.17
N GLU A 168 -38.53 23.71 -23.83
CA GLU A 168 -38.12 22.62 -22.94
C GLU A 168 -39.04 21.42 -23.09
N PRO A 169 -38.51 20.22 -23.36
CA PRO A 169 -39.37 19.02 -23.32
C PRO A 169 -40.02 18.80 -21.96
N SER A 170 -39.34 19.16 -20.87
CA SER A 170 -39.86 18.87 -19.55
C SER A 170 -41.02 19.78 -19.18
N ILE A 171 -41.03 21.01 -19.69
CA ILE A 171 -42.07 21.97 -19.32
C ILE A 171 -43.41 21.51 -19.89
N SER A 172 -44.41 21.43 -19.01
CA SER A 172 -45.78 21.09 -19.37
C SER A 172 -46.53 22.39 -19.69
N ARG A 173 -47.86 22.34 -19.68
CA ARG A 173 -48.71 23.51 -19.88
C ARG A 173 -48.18 24.73 -19.15
N ALA A 174 -47.96 25.81 -19.89
CA ALA A 174 -47.50 27.08 -19.33
C ALA A 174 -48.51 28.16 -19.68
N ALA A 175 -48.80 29.02 -18.70
CA ALA A 175 -49.87 29.99 -18.85
C ALA A 175 -49.37 31.37 -18.44
N ILE A 176 -49.98 32.39 -19.05
CA ILE A 176 -49.75 33.79 -18.70
C ILE A 176 -51.10 34.43 -18.45
N THR A 177 -51.16 35.32 -17.46
CA THR A 177 -52.43 35.95 -17.12
C THR A 177 -52.74 37.11 -18.07
N PHE A 178 -51.89 38.13 -18.08
CA PHE A 178 -52.10 39.35 -18.87
C PHE A 178 -53.46 39.96 -18.54
N SER A 179 -53.63 40.33 -17.28
CA SER A 179 -54.87 40.95 -16.80
C SER A 179 -54.82 42.44 -17.12
N THR A 180 -55.49 42.83 -18.20
CA THR A 180 -55.55 44.20 -18.72
C THR A 180 -54.29 45.02 -18.46
N ALA A 187 -61.27 41.69 -18.16
CA ALA A 187 -60.39 41.28 -19.25
C ALA A 187 -59.29 40.37 -18.74
N PRO A 188 -59.60 39.07 -18.60
CA PRO A 188 -58.59 38.13 -18.11
C PRO A 188 -57.48 37.89 -19.11
N GLN A 189 -57.84 37.54 -20.34
CA GLN A 189 -56.89 37.28 -21.42
C GLN A 189 -55.86 36.23 -21.01
N VAL A 190 -56.34 35.21 -20.31
CA VAL A 190 -55.48 34.15 -19.79
C VAL A 190 -55.43 33.02 -20.81
N PHE A 191 -54.23 32.54 -21.09
CA PHE A 191 -53.99 31.56 -22.15
C PHE A 191 -53.36 30.31 -21.58
N LEU A 192 -53.92 29.15 -21.93
CA LEU A 192 -53.35 27.86 -21.55
C LEU A 192 -53.30 26.98 -22.78
N GLN A 193 -52.24 26.16 -22.87
CA GLN A 193 -52.04 25.28 -24.01
C GLN A 193 -51.88 23.86 -23.51
N ALA A 194 -51.76 22.93 -24.45
CA ALA A 194 -51.62 21.52 -24.11
C ALA A 194 -50.15 21.22 -23.78
N THR A 195 -49.81 19.93 -23.74
CA THR A 195 -48.50 19.51 -23.24
C THR A 195 -47.41 19.75 -24.28
N ARG A 196 -46.21 19.25 -23.97
CA ARG A 196 -45.07 19.40 -24.86
C ARG A 196 -45.28 18.61 -26.16
N GLU A 197 -44.80 19.19 -27.26
CA GLU A 197 -44.80 18.62 -28.62
C GLU A 197 -46.21 18.56 -29.20
N GLU A 198 -47.25 18.84 -28.41
CA GLU A 198 -48.63 18.86 -28.91
C GLU A 198 -49.37 19.89 -28.08
N SER A 199 -49.50 21.10 -28.60
CA SER A 199 -50.06 22.21 -27.84
C SER A 199 -50.94 23.06 -28.74
N ARG A 200 -52.19 23.24 -28.35
CA ARG A 200 -53.12 24.15 -29.02
C ARG A 200 -53.48 25.30 -28.10
N ILE A 201 -53.69 26.47 -28.69
CA ILE A 201 -53.96 27.68 -27.95
C ILE A 201 -55.44 27.70 -27.53
N LEU A 202 -55.68 28.25 -26.34
CA LEU A 202 -57.04 28.34 -25.80
C LEU A 202 -57.18 29.64 -25.03
N LEU A 203 -58.30 30.33 -25.25
CA LEU A 203 -58.63 31.56 -24.53
C LEU A 203 -59.92 31.35 -23.74
N GLN A 204 -59.86 31.63 -22.44
CA GLN A 204 -61.00 31.51 -21.55
C GLN A 204 -61.33 32.88 -20.95
N ASP A 205 -62.50 32.96 -20.32
CA ASP A 205 -62.95 34.21 -19.70
C ASP A 205 -62.70 34.17 -18.19
N ASP A 259 -45.40 44.19 -3.05
CA ASP A 259 -45.72 42.77 -2.97
C ASP A 259 -44.46 41.93 -2.93
N LYS A 260 -44.56 40.67 -3.37
CA LYS A 260 -43.45 39.74 -3.40
C LYS A 260 -43.13 39.38 -4.84
N SER A 261 -41.86 39.15 -5.12
CA SER A 261 -41.38 38.90 -6.48
C SER A 261 -40.21 37.94 -6.41
N HIS A 262 -39.40 37.92 -7.48
CA HIS A 262 -38.19 37.11 -7.57
C HIS A 262 -38.49 35.62 -7.59
N PHE A 263 -39.40 35.20 -8.49
CA PHE A 263 -39.55 33.80 -8.86
C PHE A 263 -39.91 32.90 -7.67
N LYS A 264 -41.10 33.10 -7.11
CA LYS A 264 -41.57 32.29 -6.00
C LYS A 264 -41.72 30.84 -6.45
N TRP A 265 -41.95 29.94 -5.50
CA TRP A 265 -42.01 28.50 -5.75
C TRP A 265 -43.39 27.98 -5.38
N SER A 266 -43.64 26.72 -5.70
CA SER A 266 -44.90 26.06 -5.39
C SER A 266 -44.63 24.61 -5.00
N PRO A 267 -45.48 24.04 -4.13
CA PRO A 267 -45.35 22.62 -3.81
C PRO A 267 -45.79 21.76 -4.99
N PRO A 268 -45.44 20.48 -5.01
CA PRO A 268 -45.91 19.59 -6.08
C PRO A 268 -47.43 19.56 -6.13
N TYR A 269 -47.97 19.54 -7.34
CA TYR A 269 -49.41 19.66 -7.55
C TYR A 269 -49.93 18.40 -8.22
N LEU A 270 -51.04 17.89 -7.70
CA LEU A 270 -51.77 16.78 -8.28
C LEU A 270 -53.04 17.32 -8.92
N GLU A 271 -53.20 17.06 -10.23
CA GLU A 271 -54.41 17.49 -10.92
C GLU A 271 -55.62 16.79 -10.32
N CYS A 272 -56.64 17.58 -9.95
CA CYS A 272 -57.84 17.07 -9.23
C CYS A 272 -58.75 16.19 -10.08
N GLU A 273 -59.77 16.80 -10.71
CA GLU A 273 -60.73 16.03 -11.56
C GLU A 273 -61.33 14.89 -10.72
N ASN A 274 -61.27 13.67 -11.24
CA ASN A 274 -61.75 12.46 -10.51
C ASN A 274 -60.60 11.46 -10.40
N GLY A 275 -60.12 11.19 -9.17
CA GLY A 275 -59.00 10.28 -9.00
C GLY A 275 -57.68 11.03 -8.90
N SER A 276 -56.63 10.41 -9.45
CA SER A 276 -55.29 11.00 -9.44
C SER A 276 -54.62 11.05 -10.79
N TYR A 277 -55.00 10.19 -11.75
CA TYR A 277 -54.48 10.20 -13.11
C TYR A 277 -52.99 9.92 -13.19
N LYS A 278 -52.46 9.87 -14.42
CA LYS A 278 -51.10 9.43 -14.71
C LYS A 278 -50.04 10.52 -14.50
N PRO A 279 -50.24 11.77 -14.95
CA PRO A 279 -49.14 12.76 -14.83
C PRO A 279 -48.61 12.94 -13.42
N GLY A 280 -49.48 12.92 -12.42
CA GLY A 280 -49.03 12.97 -11.04
C GLY A 280 -48.54 14.32 -10.57
N TRP A 281 -47.25 14.41 -10.28
CA TRP A 281 -46.66 15.58 -9.65
C TRP A 281 -46.29 16.62 -10.69
N LEU A 282 -46.68 17.87 -10.44
CA LEU A 282 -46.41 18.98 -11.35
C LEU A 282 -45.99 20.20 -10.53
N VAL A 283 -44.71 20.55 -10.60
CA VAL A 283 -44.21 21.74 -9.92
C VAL A 283 -44.62 22.97 -10.73
N THR A 284 -45.29 23.92 -10.06
CA THR A 284 -45.80 25.12 -10.73
C THR A 284 -44.88 26.30 -10.45
N LEU A 285 -43.83 26.40 -11.27
CA LEU A 285 -42.93 27.54 -11.18
C LEU A 285 -43.68 28.80 -11.58
N SER A 286 -43.56 29.85 -10.76
CA SER A 286 -44.31 31.07 -10.99
C SER A 286 -43.41 32.28 -10.77
N SER A 287 -43.76 33.37 -11.46
CA SER A 287 -43.08 34.65 -11.32
C SER A 287 -44.13 35.75 -11.26
N ALA A 288 -43.66 37.00 -11.25
CA ALA A 288 -44.54 38.15 -11.18
C ALA A 288 -44.15 39.18 -12.23
N ILE A 289 -45.14 39.92 -12.70
CA ILE A 289 -44.93 41.00 -13.66
C ILE A 289 -45.23 42.32 -12.97
N TYR A 290 -44.26 43.23 -13.00
CA TYR A 290 -44.40 44.55 -12.40
C TYR A 290 -44.53 45.55 -13.54
N GLY A 291 -45.75 46.04 -13.76
CA GLY A 291 -46.04 46.96 -14.85
C GLY A 291 -46.23 48.38 -14.35
N LEU A 292 -45.76 49.34 -15.14
CA LEU A 292 -45.93 50.75 -14.83
C LEU A 292 -47.24 51.27 -15.40
N PRO A 298 -48.70 50.18 -10.27
CA PRO A 298 -48.61 49.17 -9.20
C PRO A 298 -48.70 47.75 -9.73
N GLU A 299 -47.55 47.15 -10.00
CA GLU A 299 -47.38 45.78 -10.51
C GLU A 299 -48.37 45.54 -11.67
N PHE A 300 -48.79 44.29 -11.86
CA PHE A 300 -49.74 43.96 -12.91
C PHE A 300 -50.85 43.03 -12.46
N ARG A 301 -50.87 42.59 -11.20
CA ARG A 301 -51.86 41.65 -10.67
C ARG A 301 -51.89 40.34 -11.45
N GLY A 302 -50.77 39.98 -12.07
CA GLY A 302 -50.67 38.75 -12.84
C GLY A 302 -49.39 37.99 -12.53
N VAL A 303 -49.39 36.73 -12.97
CA VAL A 303 -48.26 35.84 -12.72
C VAL A 303 -47.94 35.08 -14.01
N MET A 304 -46.70 34.62 -14.11
CA MET A 304 -46.28 33.76 -15.21
C MET A 304 -46.28 32.31 -14.71
N LYS A 305 -47.08 31.47 -15.35
CA LYS A 305 -47.29 30.11 -14.89
C LYS A 305 -46.56 29.13 -15.80
N VAL A 306 -45.67 28.33 -15.21
CA VAL A 306 -44.95 27.28 -15.91
C VAL A 306 -44.99 26.02 -15.06
N ASP A 307 -45.38 24.90 -15.66
CA ASP A 307 -45.50 23.62 -14.97
C ASP A 307 -44.44 22.67 -15.51
N ILE A 308 -43.67 22.06 -14.61
CA ILE A 308 -42.62 21.13 -14.97
C ILE A 308 -43.00 19.73 -14.49
N ASN A 309 -42.77 18.75 -15.36
CA ASN A 309 -43.08 17.35 -15.06
C ASN A 309 -41.82 16.68 -14.55
N LEU A 310 -41.95 15.95 -13.44
CA LEU A 310 -40.82 15.28 -12.80
C LEU A 310 -40.93 13.76 -12.86
N GLN A 311 -41.78 13.22 -13.74
CA GLN A 311 -41.91 11.77 -13.83
C GLN A 311 -40.67 11.13 -14.45
N LYS A 312 -39.76 11.95 -15.00
CA LYS A 312 -38.48 11.47 -15.51
C LYS A 312 -37.31 11.94 -14.65
N VAL A 313 -37.57 12.28 -13.39
CA VAL A 313 -36.56 12.83 -12.49
C VAL A 313 -36.42 11.89 -11.31
N ASP A 314 -35.18 11.49 -11.03
CA ASP A 314 -34.90 10.68 -9.85
C ASP A 314 -34.93 11.53 -8.58
N ILE A 315 -35.26 10.90 -7.46
CA ILE A 315 -35.36 11.62 -6.19
C ILE A 315 -33.99 11.58 -5.53
N ASP A 316 -33.11 12.49 -5.96
CA ASP A 316 -31.72 12.54 -5.51
C ASP A 316 -31.13 11.14 -5.38
N GLN A 317 -30.76 10.77 -4.16
CA GLN A 317 -30.32 9.43 -3.84
C GLN A 317 -31.05 8.90 -2.59
N CYS A 318 -31.88 9.72 -1.96
CA CYS A 318 -32.53 9.46 -0.68
C CYS A 318 -31.53 9.30 0.46
N SER A 319 -30.25 9.57 0.21
CA SER A 319 -29.27 9.54 1.29
C SER A 319 -28.18 10.60 1.18
N SER A 320 -28.30 11.58 0.28
CA SER A 320 -27.20 12.50 0.01
C SER A 320 -28.03 13.50 0.79
N ASP A 321 -28.05 14.77 0.36
CA ASP A 321 -28.72 15.94 0.96
C ASP A 321 -29.65 16.75 0.07
N GLY A 322 -30.30 16.09 -0.87
CA GLY A 322 -31.06 16.78 -1.90
C GLY A 322 -32.47 16.94 -2.42
N TRP A 323 -33.38 16.12 -1.89
CA TRP A 323 -34.76 16.05 -2.34
C TRP A 323 -35.29 15.40 -1.06
N PHE A 324 -36.56 14.99 -1.07
CA PHE A 324 -37.38 14.65 0.09
C PHE A 324 -36.61 13.94 1.19
N SER A 325 -35.71 13.04 0.84
CA SER A 325 -35.01 12.20 1.80
C SER A 325 -33.51 12.50 1.83
N GLY A 326 -33.15 13.77 1.74
CA GLY A 326 -31.75 14.13 1.80
C GLY A 326 -31.11 13.78 3.13
N THR A 327 -30.27 12.76 3.12
CA THR A 327 -29.61 12.21 4.32
C THR A 327 -30.62 11.84 5.40
N HIS A 328 -31.81 11.38 5.03
CA HIS A 328 -32.84 11.02 5.98
C HIS A 328 -33.80 10.04 5.32
N LYS A 329 -34.86 9.68 6.04
CA LYS A 329 -35.88 8.76 5.57
C LYS A 329 -35.26 7.44 5.10
N CYS A 330 -34.44 6.87 5.97
CA CYS A 330 -33.73 5.62 5.72
C CYS A 330 -33.96 4.66 6.87
N HIS A 331 -35.24 4.47 7.21
CA HIS A 331 -35.68 3.66 8.34
C HIS A 331 -35.02 2.29 8.37
N LEU A 332 -34.64 1.84 9.57
CA LEU A 332 -34.06 0.54 9.81
C LEU A 332 -32.75 0.36 9.03
N ASN A 333 -31.89 1.37 9.15
CA ASN A 333 -30.57 1.34 8.54
C ASN A 333 -29.68 2.30 9.33
N ASN A 334 -28.52 2.62 8.75
CA ASN A 334 -27.54 3.51 9.39
C ASN A 334 -27.18 3.03 10.78
N SER A 335 -27.68 3.72 11.81
CA SER A 335 -27.34 3.40 13.19
C SER A 335 -27.75 1.97 13.56
N GLU A 336 -28.70 1.40 12.83
CA GLU A 336 -29.10 0.02 13.07
C GLU A 336 -27.94 -0.94 12.84
N CYS A 337 -27.21 -0.76 11.74
CA CYS A 337 -26.05 -1.58 11.40
C CYS A 337 -24.94 -0.67 10.87
N MET A 338 -24.12 -0.14 11.77
CA MET A 338 -22.96 0.69 11.45
C MET A 338 -22.05 0.88 12.66
N PRO A 339 -22.56 1.28 13.83
CA PRO A 339 -21.66 1.37 15.00
C PRO A 339 -21.14 0.01 15.44
N ILE A 340 -22.03 -0.95 15.67
CA ILE A 340 -21.60 -2.30 15.99
C ILE A 340 -20.97 -2.97 14.77
N LYS A 341 -21.55 -2.74 13.59
CA LYS A 341 -21.04 -3.30 12.33
C LYS A 341 -20.17 -2.24 11.66
N GLY A 342 -18.90 -2.17 12.07
CA GLY A 342 -17.97 -1.19 11.55
C GLY A 342 -17.83 -1.23 10.05
N LEU A 343 -17.81 -0.05 9.42
CA LEU A 343 -17.83 0.08 7.96
C LEU A 343 -19.03 -0.66 7.37
N GLY A 344 -20.21 -0.24 7.81
CA GLY A 344 -21.43 -0.94 7.44
C GLY A 344 -21.71 -0.95 5.95
N PHE A 345 -21.47 0.18 5.28
CA PHE A 345 -21.75 0.35 3.85
C PHE A 345 -23.21 0.03 3.52
N VAL A 346 -24.14 0.51 4.34
CA VAL A 346 -25.56 0.23 4.15
C VAL A 346 -26.12 0.86 2.87
N LEU A 347 -25.36 1.75 2.23
CA LEU A 347 -25.83 2.40 1.00
C LEU A 347 -25.36 1.62 -0.23
N GLY A 348 -24.05 1.53 -0.42
CA GLY A 348 -23.50 0.90 -1.60
C GLY A 348 -23.59 1.85 -2.78
N ALA A 349 -24.80 1.97 -3.35
CA ALA A 349 -25.07 3.06 -4.28
C ALA A 349 -26.48 3.63 -4.11
N TYR A 350 -27.29 3.05 -3.21
CA TYR A 350 -28.62 3.59 -2.92
C TYR A 350 -29.11 3.12 -1.57
N GLU A 351 -29.02 3.98 -0.55
CA GLU A 351 -29.51 3.61 0.77
C GLU A 351 -30.99 3.92 0.90
N CYS A 352 -31.78 2.89 1.20
CA CYS A 352 -33.19 3.06 1.56
C CYS A 352 -33.96 3.82 0.49
N ILE A 353 -34.16 3.15 -0.65
CA ILE A 353 -34.94 3.75 -1.74
C ILE A 353 -36.24 4.25 -1.14
N CYS A 354 -36.45 5.57 -1.21
CA CYS A 354 -37.30 6.24 -0.24
C CYS A 354 -38.72 6.45 -0.75
N LYS A 355 -38.87 7.20 -1.84
CA LYS A 355 -40.19 7.61 -2.29
C LYS A 355 -40.64 6.95 -3.58
N ALA A 356 -39.76 6.81 -4.58
CA ALA A 356 -40.10 6.31 -5.91
C ALA A 356 -41.31 7.11 -6.41
N GLY A 357 -42.29 6.49 -7.07
CA GLY A 357 -43.49 7.19 -7.49
C GLY A 357 -43.26 8.11 -8.69
N PHE A 358 -42.02 8.56 -8.87
CA PHE A 358 -41.66 9.42 -9.99
C PHE A 358 -41.13 8.60 -11.16
N TYR A 359 -40.06 7.84 -10.93
CA TYR A 359 -39.47 7.00 -11.97
C TYR A 359 -38.55 5.98 -11.30
N HIS A 360 -38.01 5.09 -12.12
CA HIS A 360 -37.01 4.11 -11.68
C HIS A 360 -35.83 4.18 -12.63
N PRO A 361 -35.01 5.24 -12.54
CA PRO A 361 -33.92 5.41 -13.51
C PRO A 361 -32.80 4.41 -13.33
N GLY A 362 -31.73 4.56 -14.12
CA GLY A 362 -30.58 3.69 -14.05
C GLY A 362 -29.75 3.79 -12.79
N VAL A 363 -30.24 4.51 -11.77
CA VAL A 363 -29.55 4.61 -10.48
C VAL A 363 -29.48 3.24 -9.83
N LEU A 364 -30.41 2.35 -10.20
CA LEU A 364 -30.48 0.98 -9.70
C LEU A 364 -30.53 0.96 -8.18
N PRO A 365 -31.68 1.30 -7.56
CA PRO A 365 -31.78 1.27 -6.10
C PRO A 365 -31.29 -0.03 -5.48
N VAL A 366 -30.21 0.03 -4.72
CA VAL A 366 -29.62 -1.15 -4.09
C VAL A 366 -30.21 -1.26 -2.69
N ASN A 367 -31.36 -1.92 -2.60
CA ASN A 367 -32.01 -2.15 -1.32
C ASN A 367 -31.33 -3.29 -0.57
N ASN A 368 -31.18 -3.10 0.74
CA ASN A 368 -30.47 -4.07 1.60
C ASN A 368 -29.05 -4.32 1.08
N PHE A 369 -28.39 -3.25 0.63
CA PHE A 369 -27.04 -3.35 0.10
C PHE A 369 -25.98 -3.46 1.18
N ARG A 370 -26.36 -3.36 2.45
CA ARG A 370 -25.40 -3.41 3.55
C ARG A 370 -24.62 -4.72 3.55
N ARG A 371 -23.30 -4.62 3.68
CA ARG A 371 -22.43 -5.79 3.83
C ARG A 371 -21.67 -5.78 5.14
N ARG A 372 -21.01 -4.65 5.47
CA ARG A 372 -20.32 -4.47 6.75
C ARG A 372 -19.23 -5.51 6.97
N GLY A 373 -18.76 -6.12 5.88
CA GLY A 373 -17.80 -7.20 5.98
C GLY A 373 -18.36 -8.34 6.80
N PRO A 374 -17.71 -8.57 8.07
CA PRO A 374 -17.83 -9.50 9.47
C PRO A 374 -18.58 -8.93 10.70
N ASP A 375 -19.26 -7.80 10.62
CA ASP A 375 -19.87 -7.19 11.84
C ASP A 375 -20.89 -8.08 12.58
N GLN A 376 -21.30 -7.63 13.78
CA GLN A 376 -22.30 -8.36 14.63
C GLN A 376 -23.56 -8.52 13.78
N HIS A 377 -23.96 -7.44 13.10
CA HIS A 377 -24.92 -7.55 11.98
C HIS A 377 -24.07 -7.48 10.69
N ILE A 378 -23.98 -8.60 9.93
CA ILE A 378 -23.45 -8.89 8.61
C ILE A 378 -24.24 -8.13 7.55
N SER A 379 -24.81 -8.86 6.59
CA SER A 379 -25.57 -8.22 5.52
C SER A 379 -26.97 -7.83 5.99
N GLY A 380 -27.73 -8.79 6.48
CA GLY A 380 -29.09 -8.52 6.94
C GLY A 380 -30.13 -9.40 6.28
N SER A 381 -29.67 -10.39 5.49
CA SER A 381 -30.57 -11.29 4.78
C SER A 381 -30.99 -12.45 5.68
N THR A 382 -31.63 -12.10 6.79
CA THR A 382 -32.15 -13.08 7.74
C THR A 382 -33.67 -13.05 7.83
N LYS A 383 -34.26 -11.89 8.09
CA LYS A 383 -35.70 -11.73 8.19
C LYS A 383 -36.01 -10.24 8.08
N ASP A 384 -37.31 -9.92 8.01
CA ASP A 384 -37.81 -8.52 7.85
C ASP A 384 -37.23 -7.92 6.57
N VAL A 385 -37.44 -8.61 5.44
CA VAL A 385 -36.95 -8.20 4.09
C VAL A 385 -37.91 -7.19 3.44
N SER A 386 -37.49 -6.62 2.31
CA SER A 386 -38.25 -5.64 1.49
C SER A 386 -38.57 -4.34 2.25
N GLU A 387 -39.83 -3.90 2.16
CA GLU A 387 -40.31 -2.64 2.78
C GLU A 387 -40.06 -2.63 4.30
N GLU A 388 -40.89 -3.36 5.06
CA GLU A 388 -40.70 -3.41 6.50
C GLU A 388 -39.36 -4.06 6.80
N ALA A 389 -38.40 -3.26 7.26
CA ALA A 389 -37.04 -3.72 7.52
C ALA A 389 -36.77 -3.75 9.02
N TYR A 390 -36.02 -4.75 9.44
CA TYR A 390 -35.63 -4.93 10.85
C TYR A 390 -34.71 -6.15 10.89
N VAL A 391 -34.15 -6.50 12.05
CA VAL A 391 -33.35 -7.78 12.21
C VAL A 391 -32.19 -7.92 11.21
N CYS A 392 -31.31 -6.91 11.16
CA CYS A 392 -30.13 -6.94 10.26
C CYS A 392 -28.91 -7.53 10.97
N LEU A 393 -29.06 -8.22 12.16
CA LEU A 393 -27.98 -8.66 13.03
C LEU A 393 -27.81 -10.17 12.96
N PRO A 394 -26.75 -10.67 12.30
CA PRO A 394 -26.55 -12.13 12.19
C PRO A 394 -25.18 -12.48 11.63
N CYS A 395 -24.84 -13.77 11.66
CA CYS A 395 -23.66 -14.30 10.96
C CYS A 395 -22.37 -13.63 11.44
N ARG A 396 -22.05 -13.87 12.71
CA ARG A 396 -20.85 -13.27 13.29
C ARG A 396 -20.34 -14.12 14.44
N GLU A 397 -19.22 -14.81 14.22
CA GLU A 397 -18.43 -15.36 15.32
C GLU A 397 -17.00 -15.62 14.90
N GLY A 398 -16.08 -14.74 15.29
CA GLY A 398 -14.66 -14.99 15.11
C GLY A 398 -14.14 -14.96 13.69
N CYS A 399 -15.02 -15.11 12.70
CA CYS A 399 -14.60 -15.27 11.32
C CYS A 399 -15.52 -14.45 10.43
N PRO A 400 -15.04 -14.02 9.25
CA PRO A 400 -15.87 -13.28 8.29
C PRO A 400 -16.72 -14.19 7.40
N PHE A 401 -17.46 -15.09 8.04
CA PHE A 401 -18.34 -16.00 7.32
C PHE A 401 -19.79 -15.78 7.74
N CYS A 402 -20.73 -16.46 7.09
CA CYS A 402 -22.14 -16.32 7.41
C CYS A 402 -23.09 -17.15 8.25
N ALA A 403 -23.06 -18.47 8.04
CA ALA A 403 -23.90 -19.47 8.69
C ALA A 403 -24.16 -20.04 10.08
N ASP A 404 -23.16 -20.66 10.67
CA ASP A 404 -23.23 -21.22 12.01
C ASP A 404 -21.79 -20.99 12.47
N ASP A 405 -21.47 -21.45 13.67
CA ASP A 405 -20.11 -21.40 14.17
C ASP A 405 -19.20 -22.44 13.52
N SER A 406 -19.79 -23.48 12.91
CA SER A 406 -18.99 -24.59 12.38
C SER A 406 -18.02 -24.22 11.27
N PRO A 407 -18.37 -23.40 10.26
CA PRO A 407 -17.46 -23.27 9.09
C PRO A 407 -16.05 -22.83 9.41
N CYS A 408 -15.85 -21.99 10.43
CA CYS A 408 -14.52 -21.57 10.83
C CYS A 408 -14.07 -22.22 12.13
N PHE A 409 -14.84 -23.18 12.65
CA PHE A 409 -14.47 -23.93 13.85
C PHE A 409 -14.27 -25.39 13.45
N VAL A 410 -13.01 -25.85 13.49
CA VAL A 410 -12.74 -27.25 13.21
C VAL A 410 -13.31 -28.12 14.33
N GLN A 411 -13.55 -29.39 14.00
CA GLN A 411 -14.05 -30.32 15.00
C GLN A 411 -13.02 -30.53 16.10
N GLU A 412 -13.48 -30.56 17.34
CA GLU A 412 -12.63 -30.80 18.50
C GLU A 412 -13.32 -31.85 19.37
N ASP A 413 -13.03 -33.12 19.08
CA ASP A 413 -13.62 -34.24 19.82
C ASP A 413 -12.98 -34.28 21.20
N LYS A 414 -13.64 -33.61 22.17
CA LYS A 414 -13.12 -33.55 23.52
C LYS A 414 -13.05 -34.91 24.19
N TYR A 415 -13.90 -35.86 23.80
CA TYR A 415 -13.82 -37.21 24.35
C TYR A 415 -12.59 -37.96 23.86
N LEU A 416 -12.03 -37.58 22.71
CA LEU A 416 -10.77 -38.11 22.23
C LEU A 416 -9.57 -37.30 22.69
N ARG A 417 -9.68 -35.98 22.68
CA ARG A 417 -8.60 -35.12 23.16
C ARG A 417 -8.28 -35.35 24.63
N LEU A 418 -9.24 -35.84 25.42
CA LEU A 418 -8.98 -36.22 26.81
C LEU A 418 -8.52 -37.67 26.94
N ALA A 419 -8.90 -38.54 26.00
CA ALA A 419 -8.45 -39.92 26.04
C ALA A 419 -6.97 -40.07 25.74
N ILE A 420 -6.32 -39.01 25.26
CA ILE A 420 -4.88 -39.01 25.01
C ILE A 420 -4.12 -38.55 26.24
N ILE A 421 -4.54 -37.44 26.85
CA ILE A 421 -3.91 -36.96 28.06
C ILE A 421 -4.12 -37.92 29.23
N SER A 422 -5.28 -38.59 29.30
CA SER A 422 -5.51 -39.59 30.32
C SER A 422 -4.61 -40.81 30.17
N PHE A 423 -3.95 -40.97 29.02
CA PHE A 423 -2.97 -42.02 28.80
C PHE A 423 -1.54 -41.49 28.80
N GLN A 424 -1.29 -40.34 28.18
CA GLN A 424 0.06 -39.81 28.07
C GLN A 424 0.57 -39.25 29.41
N ALA A 425 -0.33 -38.79 30.28
CA ALA A 425 0.05 -38.34 31.61
C ALA A 425 0.19 -39.49 32.60
N LEU A 426 -0.31 -40.68 32.26
CA LEU A 426 -0.09 -41.85 33.09
C LEU A 426 1.32 -42.38 32.95
N CYS A 427 1.88 -42.29 31.73
CA CYS A 427 3.25 -42.73 31.51
C CYS A 427 4.25 -41.85 32.25
N MET A 428 3.93 -40.57 32.42
CA MET A 428 4.81 -39.67 33.16
C MET A 428 4.92 -40.08 34.62
N LEU A 429 3.79 -40.43 35.25
CA LEU A 429 3.81 -40.88 36.64
C LEU A 429 4.57 -42.18 36.79
N LEU A 430 4.40 -43.12 35.85
CA LEU A 430 5.16 -44.36 35.90
C LEU A 430 6.65 -44.10 35.74
N ASP A 431 7.01 -43.19 34.83
CA ASP A 431 8.42 -42.85 34.65
C ASP A 431 9.01 -42.23 35.91
N PHE A 432 8.26 -41.34 36.57
CA PHE A 432 8.75 -40.74 37.80
C PHE A 432 8.87 -41.75 38.93
N VAL A 433 7.91 -42.68 39.03
CA VAL A 433 8.00 -43.73 40.04
C VAL A 433 9.18 -44.64 39.77
N SER A 434 9.48 -44.88 38.49
CA SER A 434 10.64 -45.69 38.14
C SER A 434 11.95 -45.09 38.64
N MET A 435 12.03 -43.77 38.78
CA MET A 435 13.21 -43.15 39.36
C MET A 435 13.42 -43.59 40.80
N LEU A 436 12.36 -43.54 41.62
CA LEU A 436 12.46 -44.01 42.99
C LEU A 436 12.71 -45.52 43.05
N VAL A 437 12.12 -46.28 42.13
CA VAL A 437 12.35 -47.72 42.11
C VAL A 437 13.81 -48.02 41.82
N VAL A 438 14.40 -47.32 40.86
CA VAL A 438 15.82 -47.50 40.56
C VAL A 438 16.68 -47.07 41.74
N TYR A 439 16.31 -45.97 42.39
CA TYR A 439 17.06 -45.52 43.56
C TYR A 439 17.02 -46.56 44.68
N HIS A 440 15.88 -47.20 44.88
CA HIS A 440 15.75 -48.20 45.93
C HIS A 440 16.68 -49.38 45.70
N PHE A 441 16.73 -49.86 44.46
CA PHE A 441 17.59 -51.00 44.12
C PHE A 441 18.94 -50.51 43.61
N ARG A 442 19.57 -49.66 44.41
CA ARG A 442 20.85 -49.05 44.05
C ARG A 442 22.03 -49.98 44.27
N LYS A 443 21.86 -51.06 45.03
CA LYS A 443 22.93 -52.02 45.29
C LYS A 443 22.79 -53.29 44.46
N ALA A 444 21.86 -53.33 43.52
CA ALA A 444 21.70 -54.50 42.68
C ALA A 444 22.90 -54.69 41.77
N LYS A 445 23.23 -55.94 41.48
CA LYS A 445 24.37 -56.24 40.63
C LYS A 445 24.16 -55.75 39.19
N SER A 446 22.92 -55.75 38.71
CA SER A 446 22.66 -55.29 37.35
C SER A 446 22.81 -53.78 37.21
N ILE A 447 22.45 -53.02 38.23
CA ILE A 447 22.54 -51.56 38.14
C ILE A 447 23.95 -51.07 38.48
N ARG A 448 24.68 -51.79 39.36
CA ARG A 448 26.05 -51.40 39.66
C ARG A 448 26.93 -51.44 38.41
N ALA A 449 26.68 -52.42 37.53
CA ALA A 449 27.45 -52.55 36.30
C ALA A 449 26.99 -51.61 35.19
N SER A 450 25.91 -50.86 35.41
CA SER A 450 25.41 -49.93 34.41
C SER A 450 25.57 -48.47 34.79
N GLY A 451 25.73 -48.15 36.08
CA GLY A 451 25.90 -46.78 36.50
C GLY A 451 24.61 -46.15 37.00
N LEU A 452 24.50 -45.97 38.31
CA LEU A 452 23.30 -45.36 38.88
C LEU A 452 23.15 -43.91 38.44
N ILE A 453 24.24 -43.15 38.45
CA ILE A 453 24.16 -41.74 38.07
C ILE A 453 23.91 -41.59 36.58
N LEU A 454 24.37 -42.57 35.78
CA LEU A 454 24.16 -42.52 34.34
C LEU A 454 22.78 -43.02 33.92
N LEU A 455 22.10 -43.77 34.79
CA LEU A 455 20.77 -44.28 34.48
C LEU A 455 19.66 -43.33 34.87
N GLU A 456 19.86 -42.52 35.92
CA GLU A 456 18.86 -41.54 36.31
C GLU A 456 18.77 -40.41 35.30
N THR A 457 19.89 -40.08 34.63
CA THR A 457 19.88 -39.02 33.64
C THR A 457 19.01 -39.39 32.45
N ILE A 458 19.04 -40.65 32.02
CA ILE A 458 18.20 -41.09 30.91
C ILE A 458 16.73 -40.95 31.28
N LEU A 459 16.36 -41.38 32.49
CA LEU A 459 14.96 -41.26 32.92
C LEU A 459 14.53 -39.82 33.00
N PHE A 460 15.39 -38.94 33.54
CA PHE A 460 15.02 -37.52 33.62
C PHE A 460 14.88 -36.91 32.22
N GLY A 461 15.76 -37.27 31.31
CA GLY A 461 15.64 -36.76 29.95
C GLY A 461 14.39 -37.25 29.25
N SER A 462 14.04 -38.53 29.44
CA SER A 462 12.81 -39.05 28.85
C SER A 462 11.59 -38.38 29.44
N LEU A 463 11.63 -38.06 30.74
CA LEU A 463 10.57 -37.29 31.35
C LEU A 463 10.43 -35.93 30.68
N LEU A 464 11.56 -35.33 30.30
CA LEU A 464 11.55 -34.05 29.60
C LEU A 464 11.09 -34.17 28.16
N LEU A 465 11.10 -35.37 27.60
CA LEU A 465 10.61 -35.62 26.25
C LEU A 465 9.11 -35.89 26.22
N TYR A 466 8.45 -35.87 27.37
CA TYR A 466 7.00 -36.01 27.45
C TYR A 466 6.29 -34.67 27.53
N PHE A 467 6.92 -33.59 27.08
CA PHE A 467 6.21 -32.32 26.96
C PHE A 467 6.23 -31.76 25.54
N PRO A 468 5.99 -32.54 24.47
CA PRO A 468 5.56 -31.91 23.22
C PRO A 468 4.06 -32.03 23.02
N VAL A 469 3.41 -32.83 23.86
CA VAL A 469 1.99 -33.12 23.74
C VAL A 469 1.16 -32.34 24.74
N VAL A 470 1.63 -32.26 25.99
CA VAL A 470 0.93 -31.45 26.99
C VAL A 470 0.91 -29.99 26.58
N ILE A 471 2.00 -29.49 26.01
CA ILE A 471 2.02 -28.13 25.46
C ILE A 471 1.15 -28.00 24.22
N LEU A 472 1.09 -29.03 23.37
CA LEU A 472 0.28 -28.99 22.15
C LEU A 472 -1.21 -29.07 22.45
N TYR A 473 -1.50 -29.78 23.43
CA TYR A 473 -2.90 -30.00 23.71
C TYR A 473 -3.51 -28.71 24.08
N PHE A 474 -2.76 -27.80 24.61
CA PHE A 474 -3.10 -26.52 25.22
C PHE A 474 -3.25 -25.78 23.94
N GLU A 475 -4.17 -24.97 23.50
CA GLU A 475 -4.14 -23.95 22.39
C GLU A 475 -3.05 -23.06 21.97
N PRO A 476 -2.35 -22.80 20.66
CA PRO A 476 -1.06 -22.33 20.48
C PRO A 476 -0.72 -20.92 20.73
N SER A 477 -0.27 -20.54 21.89
CA SER A 477 0.24 -19.27 22.44
C SER A 477 1.56 -18.93 21.96
N THR A 478 2.09 -17.86 22.39
CA THR A 478 3.45 -17.51 21.98
C THR A 478 4.51 -17.94 22.97
N PHE A 479 4.17 -18.02 24.27
CA PHE A 479 5.12 -18.58 25.23
C PHE A 479 5.19 -20.10 25.11
N ARG A 480 4.05 -20.74 24.87
CA ARG A 480 4.00 -22.19 24.79
C ARG A 480 4.55 -22.73 23.48
N CYS A 481 4.46 -22.00 22.39
CA CYS A 481 4.93 -22.48 21.10
C CYS A 481 6.44 -22.33 20.97
N ILE A 482 7.09 -21.63 21.89
CA ILE A 482 8.54 -21.55 21.97
C ILE A 482 9.11 -22.62 22.88
N LEU A 483 8.45 -22.87 24.02
CA LEU A 483 8.84 -23.94 24.93
C LEU A 483 8.71 -25.31 24.30
N LEU A 484 7.95 -25.45 23.21
CA LEU A 484 7.87 -26.72 22.51
C LEU A 484 9.20 -27.14 21.90
N ARG A 485 10.08 -26.18 21.62
CA ARG A 485 11.40 -26.47 21.07
C ARG A 485 12.50 -26.50 22.13
N TRP A 486 12.26 -25.93 23.30
CA TRP A 486 13.22 -26.05 24.40
C TRP A 486 13.18 -27.43 25.04
N ALA A 487 12.02 -28.09 25.03
CA ALA A 487 11.88 -29.41 25.64
C ALA A 487 12.30 -30.55 24.72
N ARG A 488 12.13 -30.38 23.41
CA ARG A 488 12.56 -31.41 22.47
C ARG A 488 14.08 -31.45 22.32
N LEU A 489 14.73 -30.27 22.24
CA LEU A 489 16.17 -30.22 22.04
C LEU A 489 16.95 -30.57 23.30
N LEU A 490 16.48 -30.13 24.46
CA LEU A 490 17.14 -30.48 25.72
C LEU A 490 16.86 -31.92 26.13
N GLY A 491 15.77 -32.51 25.65
CA GLY A 491 15.45 -33.89 25.94
C GLY A 491 16.04 -34.90 25.00
N PHE A 492 16.48 -34.46 23.81
CA PHE A 492 17.15 -35.36 22.88
C PHE A 492 18.64 -35.50 23.20
N ALA A 493 19.30 -34.40 23.55
CA ALA A 493 20.70 -34.44 23.92
C ALA A 493 20.94 -35.08 25.29
N THR A 494 19.89 -35.32 26.06
CA THR A 494 20.00 -35.97 27.36
C THR A 494 19.76 -37.47 27.30
N VAL A 495 18.81 -37.92 26.48
CA VAL A 495 18.55 -39.36 26.33
C VAL A 495 19.52 -39.93 25.30
N TYR A 496 19.43 -39.45 24.07
CA TYR A 496 20.36 -39.87 23.02
C TYR A 496 21.57 -38.95 22.96
N GLY A 497 22.19 -38.72 24.12
CA GLY A 497 23.44 -38.00 24.20
C GLY A 497 24.36 -38.70 25.18
N THR A 498 23.78 -39.62 25.95
CA THR A 498 24.53 -40.45 26.88
C THR A 498 24.46 -41.93 26.55
N VAL A 499 23.47 -42.36 25.76
CA VAL A 499 23.49 -43.72 25.23
C VAL A 499 24.69 -43.90 24.29
N THR A 500 24.94 -42.92 23.42
CA THR A 500 26.11 -42.95 22.56
C THR A 500 27.42 -42.89 23.34
N LEU A 501 27.51 -42.06 24.38
CA LEU A 501 28.69 -42.03 25.23
C LEU A 501 28.91 -43.33 26.00
N LYS A 502 27.84 -43.93 26.54
CA LYS A 502 27.97 -45.22 27.19
C LYS A 502 28.41 -46.30 26.21
N LEU A 503 27.90 -46.27 24.99
CA LEU A 503 28.31 -47.19 23.94
C LEU A 503 29.73 -46.96 23.46
N HIS A 504 30.22 -45.72 23.55
CA HIS A 504 31.60 -45.38 23.19
C HIS A 504 32.59 -45.81 24.28
N ARG A 505 32.20 -45.67 25.54
CA ARG A 505 33.12 -46.01 26.63
C ARG A 505 33.42 -47.50 26.67
N VAL A 506 32.45 -48.35 26.34
CA VAL A 506 32.74 -49.79 26.32
C VAL A 506 33.69 -50.15 25.18
N LEU A 507 33.56 -49.51 24.02
CA LEU A 507 34.51 -49.74 22.94
C LEU A 507 35.91 -49.28 23.34
N LYS A 508 36.01 -48.12 23.98
CA LYS A 508 37.31 -47.63 24.43
C LYS A 508 37.93 -48.56 25.46
N VAL A 509 37.13 -49.07 26.40
CA VAL A 509 37.64 -50.00 27.39
C VAL A 509 38.11 -51.29 26.73
N PHE A 510 37.32 -51.83 25.80
CA PHE A 510 37.70 -53.06 25.14
C PHE A 510 38.97 -52.90 24.33
N LEU A 511 39.10 -51.80 23.59
CA LEU A 511 40.30 -51.58 22.78
C LEU A 511 41.54 -51.46 23.66
N SER A 512 41.42 -50.72 24.76
CA SER A 512 42.57 -50.50 25.64
C SER A 512 42.97 -51.77 26.37
N ARG A 513 42.00 -52.54 26.85
CA ARG A 513 42.29 -53.71 27.66
C ARG A 513 42.95 -54.85 26.88
N THR A 514 42.99 -54.76 25.55
CA THR A 514 43.66 -55.80 24.77
C THR A 514 45.15 -55.86 25.07
N ALA A 515 45.80 -54.71 25.20
CA ALA A 515 47.24 -54.63 25.45
C ALA A 515 47.53 -53.46 26.40
N GLN A 516 47.59 -53.77 27.70
CA GLN A 516 48.08 -52.86 28.73
C GLN A 516 47.96 -51.61 29.60
N ARG A 517 46.72 -51.14 29.78
CA ARG A 517 46.38 -50.06 30.70
C ARG A 517 44.86 -50.20 30.60
N ILE A 518 44.06 -49.65 31.52
CA ILE A 518 42.55 -49.66 31.41
C ILE A 518 42.05 -48.25 31.81
N PRO A 519 41.73 -47.39 30.82
CA PRO A 519 41.46 -45.94 30.99
C PRO A 519 40.15 -45.10 31.00
N TYR A 520 39.00 -45.69 31.27
CA TYR A 520 37.75 -44.87 31.41
C TYR A 520 37.06 -45.25 32.70
N MET A 521 36.07 -44.48 33.14
CA MET A 521 35.41 -44.92 34.39
C MET A 521 33.91 -44.63 34.35
N THR A 522 33.15 -44.67 35.46
CA THR A 522 31.71 -44.38 35.45
C THR A 522 31.50 -42.87 35.45
N GLY A 523 30.29 -42.43 35.78
CA GLY A 523 29.92 -41.03 35.81
C GLY A 523 30.95 -40.12 36.47
N GLY A 524 31.47 -39.18 35.70
CA GLY A 524 32.53 -38.29 36.15
C GLY A 524 33.56 -38.12 35.05
N ARG A 525 33.73 -39.15 34.23
CA ARG A 525 34.49 -39.07 32.99
C ARG A 525 33.63 -39.17 31.75
N VAL A 526 32.45 -39.79 31.85
CA VAL A 526 31.49 -39.86 30.76
C VAL A 526 30.41 -38.83 31.04
N MET A 527 30.13 -38.61 32.32
CA MET A 527 29.11 -37.64 32.72
C MET A 527 29.51 -36.21 32.38
N ARG A 528 30.79 -35.86 32.53
CA ARG A 528 31.25 -34.50 32.24
C ARG A 528 31.67 -34.32 30.79
N MET A 529 31.67 -35.38 29.99
CA MET A 529 31.81 -35.26 28.54
C MET A 529 30.49 -34.94 27.85
N LEU A 530 29.36 -35.11 28.55
CA LEU A 530 28.07 -34.67 28.06
C LEU A 530 27.85 -33.17 28.27
N ALA A 531 28.66 -32.55 29.13
CA ALA A 531 28.51 -31.12 29.39
C ALA A 531 28.82 -30.28 28.15
N VAL A 532 29.73 -30.74 27.29
CA VAL A 532 30.02 -30.01 26.06
C VAL A 532 28.80 -29.99 25.15
N ILE A 533 28.15 -31.15 24.98
CA ILE A 533 26.96 -31.23 24.15
C ILE A 533 25.85 -30.36 24.73
N LEU A 534 25.67 -30.42 26.05
CA LEU A 534 24.64 -29.61 26.68
C LEU A 534 24.93 -28.12 26.54
N LEU A 535 26.21 -27.73 26.64
CA LEU A 535 26.57 -26.32 26.48
C LEU A 535 26.30 -25.85 25.05
N VAL A 536 26.62 -26.67 24.05
CA VAL A 536 26.32 -26.30 22.67
C VAL A 536 24.82 -26.16 22.46
N VAL A 537 24.04 -27.08 23.01
CA VAL A 537 22.59 -27.03 22.85
C VAL A 537 22.02 -25.77 23.51
N PHE A 538 22.49 -25.45 24.72
CA PHE A 538 22.05 -24.23 25.40
C PHE A 538 22.44 -22.99 24.59
N TRP A 539 23.65 -22.97 24.03
CA TRP A 539 24.07 -21.83 23.22
C TRP A 539 23.13 -21.64 22.04
N PHE A 540 22.82 -22.72 21.33
CA PHE A 540 21.93 -22.60 20.18
C PHE A 540 20.53 -22.17 20.60
N LEU A 541 20.02 -22.71 21.71
CA LEU A 541 18.68 -22.36 22.16
C LEU A 541 18.60 -20.90 22.57
N ILE A 542 19.61 -20.40 23.28
CA ILE A 542 19.63 -19.00 23.66
C ILE A 542 19.73 -18.11 22.44
N GLY A 543 20.55 -18.50 21.46
CA GLY A 543 20.66 -17.72 20.24
C GLY A 543 19.35 -17.66 19.46
N TRP A 544 18.64 -18.78 19.38
CA TRP A 544 17.42 -18.83 18.60
C TRP A 544 16.26 -18.13 19.32
N THR A 545 16.17 -18.29 20.64
CA THR A 545 15.08 -17.66 21.39
C THR A 545 15.14 -16.15 21.30
N SER A 546 16.34 -15.58 21.48
CA SER A 546 16.51 -14.14 21.38
C SER A 546 16.35 -13.62 19.96
N SER A 547 16.52 -14.46 18.95
CA SER A 547 16.36 -14.05 17.57
C SER A 547 14.95 -14.27 17.03
N VAL A 548 14.07 -14.90 17.80
CA VAL A 548 12.69 -15.10 17.36
C VAL A 548 11.79 -14.10 18.06
N CYS A 549 12.15 -13.73 19.29
CA CYS A 549 11.46 -12.64 20.00
C CYS A 549 12.17 -11.31 19.78
N GLN A 550 12.52 -11.05 18.52
CA GLN A 550 13.07 -9.76 18.11
C GLN A 550 12.36 -9.33 16.84
N ASN A 551 11.81 -10.31 16.11
CA ASN A 551 11.04 -10.06 14.90
C ASN A 551 9.58 -9.75 15.19
N LEU A 552 9.13 -9.97 16.42
CA LEU A 552 7.73 -9.72 16.77
C LEU A 552 7.34 -8.27 16.53
N GLU A 553 8.30 -7.35 16.62
CA GLU A 553 8.04 -5.96 16.26
C GLU A 553 7.73 -5.82 14.77
N LYS A 554 8.19 -6.76 13.95
CA LYS A 554 7.91 -6.77 12.52
C LYS A 554 6.96 -7.87 12.11
N GLN A 555 7.19 -9.10 12.56
CA GLN A 555 6.33 -10.23 12.24
C GLN A 555 6.35 -11.23 13.39
N ILE A 556 5.16 -11.70 13.79
CA ILE A 556 5.10 -12.75 14.79
C ILE A 556 5.74 -14.03 14.25
N SER A 557 5.42 -14.40 13.02
CA SER A 557 6.02 -15.53 12.31
C SER A 557 5.93 -16.84 13.10
N LEU A 558 5.09 -16.88 14.14
CA LEU A 558 4.97 -18.05 14.99
C LEU A 558 3.57 -18.65 14.96
N ILE A 559 2.54 -17.84 15.22
CA ILE A 559 1.16 -18.33 15.27
C ILE A 559 0.53 -18.02 13.91
N GLY A 560 0.57 -19.01 13.03
CA GLY A 560 -0.05 -18.90 11.72
C GLY A 560 -1.36 -19.65 11.66
N GLN A 561 -1.85 -19.83 10.44
CA GLN A 561 -3.08 -20.56 10.22
C GLN A 561 -3.10 -21.10 8.80
N GLY A 562 -3.89 -22.15 8.59
CA GLY A 562 -4.04 -22.75 7.27
C GLY A 562 -5.34 -23.50 7.19
N LYS A 563 -5.67 -23.92 5.97
CA LYS A 563 -6.92 -24.62 5.71
C LYS A 563 -6.67 -26.12 5.51
N THR A 564 -7.73 -26.89 5.72
CA THR A 564 -7.71 -28.35 5.53
C THR A 564 -8.31 -28.76 4.19
N SER A 565 -8.08 -27.96 3.15
CA SER A 565 -8.68 -28.11 1.82
C SER A 565 -10.20 -27.96 1.85
N ASP A 566 -10.75 -27.38 2.92
CA ASP A 566 -12.19 -27.15 3.02
C ASP A 566 -12.52 -25.80 3.64
N HIS A 567 -11.78 -24.80 3.35
CA HIS A 567 -12.13 -23.46 3.90
C HIS A 567 -12.71 -23.44 5.30
N LEU A 568 -12.13 -24.27 6.16
CA LEU A 568 -12.25 -24.35 7.59
C LEU A 568 -10.82 -24.41 7.91
N ILE A 569 -10.34 -23.36 8.57
CA ILE A 569 -9.03 -22.87 9.11
C ILE A 569 -8.84 -23.06 10.59
N PHE A 570 -7.72 -23.37 11.11
CA PHE A 570 -7.53 -23.60 12.51
C PHE A 570 -6.25 -22.96 12.93
N ASN A 571 -6.00 -22.34 14.02
CA ASN A 571 -4.71 -21.70 14.25
C ASN A 571 -3.69 -22.72 14.51
N MET A 572 -2.48 -22.54 14.08
CA MET A 572 -1.41 -23.38 14.63
C MET A 572 -0.10 -22.58 14.65
N CYS A 573 0.99 -23.30 14.91
CA CYS A 573 2.33 -22.76 14.79
C CYS A 573 2.90 -23.01 13.40
N LEU A 574 3.79 -22.12 12.98
CA LEU A 574 4.50 -22.24 11.71
C LEU A 574 5.88 -22.86 11.92
N ILE A 575 6.63 -22.96 10.82
CA ILE A 575 7.98 -23.48 10.83
C ILE A 575 8.94 -22.32 10.58
N ASP A 576 9.95 -22.20 11.45
CA ASP A 576 10.84 -21.05 11.42
C ASP A 576 11.98 -21.20 10.41
N ARG A 577 12.05 -22.33 9.69
CA ARG A 577 13.09 -22.73 8.76
C ARG A 577 14.36 -23.14 9.49
N TRP A 578 14.44 -22.95 10.81
CA TRP A 578 15.48 -23.56 11.63
C TRP A 578 15.11 -24.96 12.05
N ASP A 579 13.81 -25.28 12.07
CA ASP A 579 13.37 -26.64 12.36
C ASP A 579 13.81 -27.62 11.29
N TYR A 580 13.99 -27.16 10.05
CA TYR A 580 14.57 -28.02 9.03
C TYR A 580 16.00 -28.39 9.36
N MET A 581 16.77 -27.44 9.91
CA MET A 581 18.16 -27.69 10.26
C MET A 581 18.30 -28.51 11.54
N THR A 582 17.43 -28.30 12.54
CA THR A 582 17.46 -29.13 13.74
C THR A 582 16.60 -30.38 13.55
N ALA A 583 16.81 -31.03 12.41
CA ALA A 583 16.34 -32.39 12.17
C ALA A 583 17.36 -33.23 11.41
N VAL A 584 18.34 -32.60 10.75
CA VAL A 584 19.49 -33.32 10.22
C VAL A 584 20.56 -33.45 11.30
N ALA A 585 20.59 -32.52 12.25
CA ALA A 585 21.55 -32.61 13.35
C ALA A 585 21.32 -33.88 14.16
N GLU A 586 20.05 -34.21 14.44
CA GLU A 586 19.75 -35.49 15.08
C GLU A 586 20.16 -36.65 14.18
N PHE A 587 19.85 -36.56 12.88
CA PHE A 587 20.19 -37.62 11.95
C PHE A 587 21.70 -37.80 11.84
N LEU A 588 22.45 -36.72 11.80
CA LEU A 588 23.92 -36.80 11.70
C LEU A 588 24.49 -37.25 13.02
N PHE A 589 23.92 -36.91 14.16
CA PHE A 589 24.43 -37.36 15.45
C PHE A 589 24.20 -38.85 15.64
N LEU A 590 23.04 -39.36 15.22
CA LEU A 590 22.74 -40.77 15.40
C LEU A 590 23.61 -41.67 14.52
N LEU A 591 24.22 -41.12 13.47
CA LEU A 591 25.13 -41.91 12.66
C LEU A 591 26.37 -42.32 13.45
N TRP A 592 26.83 -41.46 14.36
CA TRP A 592 27.92 -41.83 15.24
C TRP A 592 27.54 -43.02 16.11
N GLY A 593 26.31 -43.00 16.65
CA GLY A 593 25.85 -44.14 17.43
C GLY A 593 25.71 -45.40 16.60
N VAL A 594 25.28 -45.26 15.34
CA VAL A 594 25.19 -46.41 14.44
C VAL A 594 26.57 -47.00 14.20
N TYR A 595 27.56 -46.15 13.95
CA TYR A 595 28.93 -46.63 13.76
C TYR A 595 29.45 -47.32 15.01
N LEU A 596 29.15 -46.75 16.18
CA LEU A 596 29.55 -47.40 17.43
C LEU A 596 28.89 -48.75 17.60
N CYS A 597 27.60 -48.86 17.23
CA CYS A 597 26.92 -50.16 17.27
C CYS A 597 27.62 -51.16 16.36
N TYR A 598 28.03 -50.72 15.17
CA TYR A 598 28.75 -51.60 14.27
C TYR A 598 30.11 -52.01 14.84
N ALA A 599 30.78 -51.10 15.54
CA ALA A 599 32.12 -51.39 16.05
C ALA A 599 32.10 -52.49 17.09
N VAL A 600 31.15 -52.44 18.02
CA VAL A 600 31.05 -53.41 19.10
C VAL A 600 30.02 -54.47 18.70
N ARG A 601 30.50 -55.63 18.29
CA ARG A 601 29.64 -56.76 17.98
C ARG A 601 30.19 -58.08 18.48
N THR A 602 31.38 -58.10 19.09
CA THR A 602 31.99 -59.34 19.57
C THR A 602 32.52 -59.22 20.99
N VAL A 603 32.38 -58.07 21.64
CA VAL A 603 32.95 -57.92 22.99
C VAL A 603 32.16 -58.79 23.97
N PRO A 604 32.82 -59.46 24.91
CA PRO A 604 32.09 -60.25 25.91
C PRO A 604 31.30 -59.37 26.86
N SER A 605 29.97 -59.48 26.83
CA SER A 605 29.10 -58.73 27.74
C SER A 605 28.30 -59.73 28.56
N ALA A 606 28.36 -59.59 29.89
CA ALA A 606 27.68 -60.51 30.79
C ALA A 606 26.18 -60.27 30.86
N PHE A 607 25.74 -59.02 30.79
CA PHE A 607 24.33 -58.68 30.92
C PHE A 607 23.71 -58.20 29.62
N HIS A 608 24.42 -58.32 28.50
CA HIS A 608 23.94 -57.90 27.19
C HIS A 608 23.55 -56.43 27.17
N GLU A 609 24.27 -55.61 27.93
CA GLU A 609 23.97 -54.17 27.96
C GLU A 609 24.11 -53.49 26.60
N PRO A 610 25.18 -53.64 25.83
CA PRO A 610 25.29 -52.91 24.56
C PRO A 610 24.52 -53.53 23.42
N ARG A 611 23.79 -54.62 23.64
CA ARG A 611 22.95 -55.21 22.61
C ARG A 611 21.55 -54.59 22.59
N TYR A 612 21.02 -54.23 23.76
CA TYR A 612 19.72 -53.58 23.81
C TYR A 612 19.81 -52.12 23.38
N MET A 613 20.95 -51.46 23.62
CA MET A 613 21.13 -50.09 23.16
C MET A 613 21.28 -50.02 21.65
N ALA A 614 21.65 -51.13 21.01
CA ALA A 614 21.84 -51.13 19.57
C ALA A 614 20.54 -50.87 18.82
N VAL A 615 19.48 -51.49 19.31
CA VAL A 615 18.12 -51.42 18.70
C VAL A 615 17.52 -50.09 19.03
N ALA A 616 17.80 -49.51 20.18
CA ALA A 616 17.22 -48.27 20.65
C ALA A 616 17.71 -47.06 19.85
N VAL A 617 18.83 -47.18 19.15
CA VAL A 617 19.32 -46.09 18.31
C VAL A 617 18.74 -46.17 16.91
N HIS A 618 18.77 -47.35 16.29
CA HIS A 618 18.24 -47.51 14.94
C HIS A 618 16.74 -47.23 14.89
N ASN A 619 16.00 -47.73 15.88
CA ASN A 619 14.56 -47.54 15.92
C ASN A 619 14.20 -46.05 15.93
N GLU A 620 14.85 -45.29 16.80
CA GLU A 620 14.60 -43.86 16.88
C GLU A 620 15.07 -43.16 15.61
N LEU A 621 16.25 -43.52 15.11
CA LEU A 621 16.79 -42.90 13.90
C LEU A 621 15.83 -43.05 12.72
N ILE A 622 15.13 -44.18 12.64
CA ILE A 622 14.19 -44.40 11.55
C ILE A 622 12.87 -43.69 11.78
N ILE A 623 12.22 -43.94 12.93
CA ILE A 623 10.87 -43.42 13.12
C ILE A 623 10.88 -41.91 13.28
N SER A 624 11.90 -41.34 13.93
CA SER A 624 11.97 -39.89 14.06
C SER A 624 12.11 -39.23 12.69
N ALA A 625 12.92 -39.80 11.81
CA ALA A 625 13.06 -39.24 10.46
C ALA A 625 11.74 -39.35 9.69
N ILE A 626 11.06 -40.49 9.80
CA ILE A 626 9.79 -40.64 9.10
C ILE A 626 8.77 -39.63 9.61
N PHE A 627 8.68 -39.48 10.93
CA PHE A 627 7.74 -38.51 11.52
C PHE A 627 8.08 -37.09 11.11
N HIS A 628 9.38 -36.75 11.11
CA HIS A 628 9.78 -35.39 10.76
C HIS A 628 9.45 -35.08 9.30
N THR A 629 9.71 -36.02 8.39
CA THR A 629 9.40 -35.73 6.99
C THR A 629 7.89 -35.69 6.76
N ILE A 630 7.11 -36.53 7.45
CA ILE A 630 5.66 -36.45 7.33
C ILE A 630 5.15 -35.11 7.85
N ARG A 631 5.67 -34.66 8.98
CA ARG A 631 5.25 -33.38 9.55
C ARG A 631 5.64 -32.21 8.66
N PHE A 632 6.81 -32.28 8.04
CA PHE A 632 7.28 -31.17 7.22
C PHE A 632 6.55 -31.11 5.88
N VAL A 633 6.25 -32.26 5.28
CA VAL A 633 5.57 -32.26 3.98
C VAL A 633 4.09 -31.88 4.16
N LEU A 634 3.40 -32.57 5.05
CA LEU A 634 1.99 -32.31 5.32
C LEU A 634 1.80 -31.33 6.48
N ALA A 635 2.44 -30.16 6.37
CA ALA A 635 2.46 -29.21 7.48
C ALA A 635 1.19 -28.36 7.56
N SER A 636 0.73 -27.81 6.44
CA SER A 636 -0.39 -26.89 6.42
C SER A 636 -1.70 -27.56 5.99
N ARG A 637 -1.73 -28.89 5.93
CA ARG A 637 -2.92 -29.62 5.53
C ARG A 637 -3.42 -30.59 6.61
N LEU A 638 -2.88 -30.49 7.83
CA LEU A 638 -3.28 -31.37 8.92
C LEU A 638 -4.07 -30.59 9.95
N GLN A 639 -5.23 -31.14 10.33
CA GLN A 639 -6.07 -30.52 11.35
C GLN A 639 -5.39 -30.62 12.72
N SER A 640 -5.87 -29.81 13.66
CA SER A 640 -5.28 -29.78 15.00
C SER A 640 -5.41 -31.14 15.69
N ASP A 641 -6.56 -31.81 15.55
CA ASP A 641 -6.72 -33.14 16.11
C ASP A 641 -5.91 -34.19 15.36
N TRP A 642 -5.26 -33.98 14.31
CA TRP A 642 -4.58 -35.02 13.60
C TRP A 642 -3.20 -34.68 13.86
N MET A 643 -2.92 -33.56 14.33
CA MET A 643 -1.55 -33.33 14.77
C MET A 643 -1.27 -33.92 16.14
N LEU A 644 -2.28 -33.93 17.03
CA LEU A 644 -2.12 -34.61 18.31
C LEU A 644 -1.95 -36.10 18.12
N MET A 645 -2.72 -36.70 17.21
CA MET A 645 -2.61 -38.13 16.94
C MET A 645 -1.27 -38.51 16.33
N LEU A 646 -0.53 -37.54 15.78
CA LEU A 646 0.82 -37.78 15.28
C LEU A 646 1.88 -37.55 16.36
N TYR A 647 1.77 -36.45 17.10
CA TYR A 647 2.71 -36.19 18.18
C TYR A 647 2.60 -37.21 19.30
N PHE A 648 1.44 -37.85 19.46
CA PHE A 648 1.25 -38.87 20.48
C PHE A 648 1.71 -40.24 20.00
N ALA A 649 1.53 -40.56 18.71
CA ALA A 649 2.00 -41.81 18.17
C ALA A 649 3.52 -41.84 17.99
N HIS A 650 4.13 -40.69 17.71
CA HIS A 650 5.58 -40.63 17.55
C HIS A 650 6.32 -40.75 18.88
N THR A 651 5.75 -40.19 19.95
CA THR A 651 6.41 -40.18 21.25
C THR A 651 6.22 -41.47 22.03
N HIS A 652 5.44 -42.41 21.50
CA HIS A 652 5.26 -43.70 22.14
C HIS A 652 5.90 -44.85 21.39
N LEU A 653 6.46 -44.61 20.21
CA LEU A 653 7.21 -45.63 19.47
C LEU A 653 8.71 -45.45 19.55
N THR A 654 9.18 -44.29 20.02
CA THR A 654 10.60 -44.01 20.14
C THR A 654 11.05 -43.72 21.56
N VAL A 655 10.21 -43.06 22.36
CA VAL A 655 10.60 -42.67 23.72
C VAL A 655 10.23 -43.78 24.69
N THR A 656 9.00 -44.29 24.60
CA THR A 656 8.56 -45.35 25.49
C THR A 656 9.29 -46.66 25.24
N VAL A 657 9.63 -46.96 23.99
CA VAL A 657 10.42 -48.15 23.70
C VAL A 657 11.87 -47.99 24.15
N THR A 658 12.40 -46.76 24.13
CA THR A 658 13.77 -46.54 24.56
C THR A 658 13.95 -46.87 26.04
N ILE A 659 12.99 -46.47 26.88
CA ILE A 659 13.07 -46.73 28.30
C ILE A 659 12.43 -48.07 28.61
N GLY A 660 12.01 -48.79 27.57
CA GLY A 660 11.51 -50.13 27.74
C GLY A 660 12.61 -51.16 27.52
N LEU A 661 13.73 -50.70 26.96
CA LEU A 661 14.87 -51.57 26.68
C LEU A 661 16.05 -51.34 27.61
N LEU A 662 16.24 -50.13 28.11
CA LEU A 662 17.32 -49.82 29.02
C LEU A 662 16.92 -49.93 30.49
N LEU A 663 15.65 -50.23 30.77
CA LEU A 663 15.14 -50.31 32.13
C LEU A 663 14.65 -51.68 32.52
N ILE A 664 13.80 -52.30 31.69
CA ILE A 664 13.21 -53.58 32.06
C ILE A 664 14.25 -54.67 32.27
N PRO A 665 15.25 -54.87 31.39
CA PRO A 665 16.23 -55.94 31.63
C PRO A 665 17.27 -55.56 32.67
N LYS A 666 16.83 -54.99 33.78
CA LYS A 666 17.67 -54.73 34.95
C LYS A 666 17.15 -55.35 36.22
N PHE A 667 15.83 -55.28 36.45
CA PHE A 667 15.22 -55.95 37.60
C PHE A 667 14.90 -57.41 37.30
N SER A 668 14.51 -57.71 36.07
CA SER A 668 14.29 -59.09 35.63
C SER A 668 15.44 -59.53 34.74
N HIS A 669 15.56 -60.85 34.57
CA HIS A 669 16.62 -61.47 33.80
C HIS A 669 17.99 -61.04 34.34
N SER A 670 18.24 -61.43 35.58
CA SER A 670 19.50 -61.10 36.25
C SER A 670 20.66 -61.87 35.64
N ASP B 66 4.44 19.59 -30.93
CA ASP B 66 3.93 20.23 -32.14
C ASP B 66 2.97 21.36 -31.80
N GLY B 67 2.13 21.13 -30.79
CA GLY B 67 1.17 22.15 -30.39
C GLY B 67 1.86 23.39 -29.83
N THR B 68 2.92 23.19 -29.05
CA THR B 68 3.64 24.32 -28.47
C THR B 68 4.32 25.16 -29.53
N ILE B 69 4.86 24.53 -30.56
CA ILE B 69 5.60 25.26 -31.59
C ILE B 69 4.69 26.01 -32.55
N LEU B 70 3.45 25.56 -32.74
CA LEU B 70 2.53 26.27 -33.61
C LEU B 70 2.24 27.68 -33.10
N ALA B 71 2.04 27.82 -31.79
CA ALA B 71 1.88 29.15 -31.21
C ALA B 71 3.13 29.99 -31.40
N GLN B 72 4.30 29.37 -31.27
CA GLN B 72 5.55 30.10 -31.47
C GLN B 72 5.64 30.66 -32.88
N LYS B 73 5.30 29.84 -33.89
CA LYS B 73 5.29 30.33 -35.26
C LYS B 73 4.25 31.42 -35.46
N LEU B 74 3.03 31.18 -34.98
CA LEU B 74 1.96 32.17 -35.14
C LEU B 74 2.26 33.47 -34.41
N ALA B 75 3.18 33.47 -33.44
CA ALA B 75 3.57 34.71 -32.78
C ALA B 75 4.17 35.70 -33.78
N GLU B 76 5.07 35.22 -34.64
CA GLU B 76 5.63 36.09 -35.68
C GLU B 76 4.82 36.07 -36.96
N GLU B 77 3.88 35.13 -37.12
CA GLU B 77 2.99 35.19 -38.27
C GLU B 77 2.09 36.42 -38.22
N VAL B 78 1.84 36.95 -37.02
CA VAL B 78 1.08 38.19 -36.84
C VAL B 78 1.97 39.18 -36.10
N PRO B 79 2.44 40.22 -36.79
CA PRO B 79 3.35 41.17 -36.14
C PRO B 79 2.68 41.94 -35.02
N MET B 80 3.44 42.59 -34.11
CA MET B 80 2.88 43.49 -33.05
C MET B 80 1.65 42.92 -32.36
N ASP B 81 1.46 41.62 -32.34
CA ASP B 81 0.38 41.10 -31.50
C ASP B 81 0.89 40.20 -30.37
N VAL B 82 2.13 39.70 -30.49
CA VAL B 82 2.68 38.90 -29.41
C VAL B 82 2.88 39.75 -28.16
N ALA B 83 3.24 41.04 -28.34
CA ALA B 83 3.30 41.95 -27.19
C ALA B 83 1.92 42.14 -26.58
N SER B 84 0.88 42.19 -27.41
CA SER B 84 -0.48 42.27 -26.89
C SER B 84 -0.83 41.02 -26.09
N TYR B 85 -0.33 39.87 -26.51
CA TYR B 85 -0.52 38.65 -25.72
C TYR B 85 0.20 38.75 -24.38
N LEU B 86 1.48 39.13 -24.41
CA LEU B 86 2.27 39.15 -23.18
C LEU B 86 1.73 40.18 -22.19
N TYR B 87 1.38 41.37 -22.67
CA TYR B 87 0.88 42.45 -21.82
C TYR B 87 -0.55 42.78 -22.25
N THR B 88 -1.50 42.65 -21.32
CA THR B 88 -2.90 42.90 -21.64
C THR B 88 -3.15 44.36 -21.99
N GLY B 89 -2.34 45.28 -21.45
CA GLY B 89 -2.49 46.68 -21.78
C GLY B 89 -2.10 46.96 -23.22
N ASP B 90 -0.81 46.82 -23.51
CA ASP B 90 -0.25 46.93 -24.87
C ASP B 90 -0.83 48.08 -25.68
N SER B 91 -2.09 47.94 -26.11
CA SER B 91 -2.73 48.98 -26.90
C SER B 91 -2.83 50.29 -26.13
N HIS B 92 -2.83 50.23 -24.80
CA HIS B 92 -2.83 51.44 -24.00
C HIS B 92 -1.57 52.26 -24.23
N GLN B 93 -0.46 51.62 -24.59
CA GLN B 93 0.80 52.31 -24.83
C GLN B 93 0.93 52.79 -26.26
N LEU B 94 0.62 51.93 -27.24
CA LEU B 94 0.73 52.27 -28.65
C LEU B 94 -0.51 51.79 -29.39
N LYS B 95 -1.00 52.64 -30.31
CA LYS B 95 -2.16 52.28 -31.13
C LYS B 95 -1.99 52.94 -32.50
N ARG B 96 -1.42 52.19 -33.43
CA ARG B 96 -1.32 52.63 -34.83
C ARG B 96 -1.11 51.39 -35.69
N ALA B 97 -2.21 50.89 -36.27
CA ALA B 97 -2.16 49.68 -37.08
C ALA B 97 -3.45 49.59 -37.89
N ASN B 98 -3.68 48.44 -38.51
CA ASN B 98 -4.85 48.13 -39.29
C ASN B 98 -5.88 47.43 -38.40
N CYS B 99 -6.92 46.85 -39.02
CA CYS B 99 -7.97 46.18 -38.26
C CYS B 99 -7.13 44.91 -38.32
N SER B 100 -6.39 44.61 -37.24
CA SER B 100 -5.74 43.33 -37.03
C SER B 100 -6.54 42.25 -36.30
N GLY B 101 -6.06 41.02 -36.34
CA GLY B 101 -6.64 39.94 -35.56
C GLY B 101 -7.98 39.43 -36.07
N ARG B 102 -8.01 38.95 -37.31
CA ARG B 102 -9.20 38.28 -37.80
C ARG B 102 -9.34 36.89 -37.22
N TYR B 103 -8.24 36.16 -37.10
CA TYR B 103 -8.19 34.79 -36.59
C TYR B 103 -6.73 34.41 -36.40
N GLU B 104 -6.40 33.82 -35.25
CA GLU B 104 -5.02 33.52 -34.93
C GLU B 104 -4.77 32.02 -34.88
N LEU B 105 -5.28 31.38 -33.83
CA LEU B 105 -5.12 29.91 -33.63
C LEU B 105 -6.51 29.31 -33.61
N ALA B 106 -7.48 30.10 -33.14
CA ALA B 106 -8.90 29.67 -33.06
C ALA B 106 -8.95 28.36 -32.27
N GLY B 107 -9.58 27.33 -32.85
CA GLY B 107 -9.68 26.03 -32.18
C GLY B 107 -8.61 25.05 -32.64
N LEU B 108 -7.42 25.08 -32.03
CA LEU B 108 -6.34 24.13 -32.28
C LEU B 108 -6.86 22.71 -32.50
N PRO B 109 -7.82 22.18 -31.72
CA PRO B 109 -8.45 20.91 -32.11
C PRO B 109 -9.57 21.12 -33.11
N GLY B 110 -9.29 21.90 -34.16
CA GLY B 110 -10.28 22.24 -35.15
C GLY B 110 -11.14 23.41 -34.73
N LYS B 111 -12.10 23.17 -33.83
CA LYS B 111 -12.98 24.20 -33.28
C LYS B 111 -13.83 23.55 -32.20
N TRP B 112 -14.27 24.37 -31.25
CA TRP B 112 -15.15 23.91 -30.18
C TRP B 112 -16.58 24.33 -30.49
N PRO B 113 -17.51 23.41 -30.73
CA PRO B 113 -18.90 23.80 -30.94
C PRO B 113 -19.48 24.52 -29.73
N ALA B 114 -19.53 23.81 -28.60
CA ALA B 114 -19.98 24.41 -27.34
C ALA B 114 -19.16 23.92 -26.16
N LEU B 115 -18.05 23.22 -26.39
CA LEU B 115 -17.31 22.55 -25.34
C LEU B 115 -16.23 23.47 -24.77
N ALA B 116 -15.32 22.89 -23.98
CA ALA B 116 -14.17 23.48 -23.32
C ALA B 116 -14.55 24.35 -22.13
N SER B 117 -15.83 24.63 -21.92
CA SER B 117 -16.36 25.26 -20.71
C SER B 117 -15.50 26.44 -20.24
N ALA B 118 -15.34 27.42 -21.11
CA ALA B 118 -14.69 28.67 -20.72
C ALA B 118 -15.69 29.50 -19.93
N HIS B 119 -15.69 29.34 -18.61
CA HIS B 119 -16.70 29.90 -17.71
C HIS B 119 -18.08 29.37 -18.10
N PRO B 120 -19.15 29.77 -17.42
CA PRO B 120 -20.50 29.52 -17.95
C PRO B 120 -21.07 30.67 -18.79
N SER B 121 -20.29 31.73 -19.01
CA SER B 121 -20.81 32.87 -19.77
C SER B 121 -21.08 32.49 -21.22
N LEU B 122 -20.18 31.73 -21.83
CA LEU B 122 -20.36 31.34 -23.23
C LEU B 122 -21.60 30.46 -23.41
N HIS B 123 -21.76 29.46 -22.53
CA HIS B 123 -22.90 28.56 -22.64
C HIS B 123 -24.21 29.31 -22.42
N ARG B 124 -24.27 30.19 -21.43
CA ARG B 124 -25.51 30.91 -21.15
C ARG B 124 -25.81 31.93 -22.25
N ALA B 125 -24.76 32.50 -22.86
CA ALA B 125 -24.97 33.39 -24.00
C ALA B 125 -25.53 32.62 -25.19
N LEU B 126 -25.00 31.42 -25.45
CA LEU B 126 -25.55 30.59 -26.51
C LEU B 126 -27.00 30.23 -26.22
N ASP B 127 -27.30 29.94 -24.95
CA ASP B 127 -28.66 29.55 -24.56
C ASP B 127 -29.64 30.71 -24.73
N THR B 128 -29.24 31.91 -24.33
CA THR B 128 -30.12 33.06 -24.46
C THR B 128 -30.29 33.45 -25.93
N LEU B 129 -29.23 33.31 -26.74
CA LEU B 129 -29.40 33.49 -28.18
C LEU B 129 -30.36 32.45 -28.75
N THR B 130 -30.26 31.21 -28.27
CA THR B 130 -31.16 30.16 -28.72
C THR B 130 -32.61 30.54 -28.49
N HIS B 131 -33.00 30.75 -27.23
CA HIS B 131 -34.41 31.02 -26.98
C HIS B 131 -34.76 32.50 -27.12
N ALA B 132 -33.88 33.30 -27.73
CA ALA B 132 -34.26 34.61 -28.22
C ALA B 132 -34.49 34.65 -29.72
N THR B 133 -33.72 33.90 -30.51
CA THR B 133 -34.04 33.73 -31.92
C THR B 133 -35.22 32.76 -32.11
N ASN B 134 -35.47 31.88 -31.13
CA ASN B 134 -36.65 31.04 -31.19
C ASN B 134 -37.90 31.90 -31.19
N PHE B 135 -37.85 33.07 -30.56
CA PHE B 135 -39.00 33.97 -30.54
C PHE B 135 -39.39 34.39 -31.96
N LEU B 136 -38.42 34.82 -32.76
CA LEU B 136 -38.71 35.16 -34.15
C LEU B 136 -39.05 33.91 -34.95
N ASN B 137 -38.44 32.77 -34.61
CA ASN B 137 -38.79 31.52 -35.26
C ASN B 137 -40.24 31.10 -34.98
N VAL B 138 -40.86 31.62 -33.93
CA VAL B 138 -42.25 31.29 -33.64
C VAL B 138 -43.20 32.12 -34.48
N MET B 139 -42.99 33.44 -34.56
CA MET B 139 -43.85 34.29 -35.36
C MET B 139 -43.41 34.20 -36.82
N LEU B 140 -43.39 32.98 -37.34
CA LEU B 140 -43.03 32.69 -38.72
C LEU B 140 -44.18 32.03 -39.48
N GLN B 141 -44.81 31.02 -38.89
CA GLN B 141 -45.92 30.31 -39.50
C GLN B 141 -47.27 30.91 -39.13
N SER B 142 -47.29 32.03 -38.41
CA SER B 142 -48.53 32.67 -37.99
C SER B 142 -49.29 33.17 -39.21
N ASN B 143 -50.57 32.81 -39.32
CA ASN B 143 -51.38 33.21 -40.45
C ASN B 143 -51.71 34.70 -40.38
N LYS B 144 -52.27 35.21 -41.50
CA LYS B 144 -52.70 36.60 -41.65
C LYS B 144 -51.66 37.60 -41.11
N SER B 145 -50.39 37.21 -41.23
CA SER B 145 -49.28 38.05 -40.75
C SER B 145 -49.00 39.10 -41.81
N ARG B 146 -49.64 40.26 -41.66
CA ARG B 146 -49.43 41.35 -42.61
C ARG B 146 -48.04 41.95 -42.46
N GLU B 147 -47.64 42.24 -41.22
CA GLU B 147 -46.34 42.84 -40.92
C GLU B 147 -46.13 44.12 -41.71
N GLN B 148 -46.98 45.10 -41.44
CA GLN B 148 -46.92 46.38 -42.13
C GLN B 148 -45.73 47.23 -41.74
N ASN B 149 -44.99 46.84 -40.70
CA ASN B 149 -43.83 47.59 -40.22
C ASN B 149 -44.20 49.02 -39.85
N LEU B 150 -45.30 49.17 -39.11
CA LEU B 150 -45.77 50.48 -38.69
C LEU B 150 -44.91 51.00 -37.54
N GLN B 151 -45.33 52.15 -36.99
CA GLN B 151 -44.61 52.75 -35.87
C GLN B 151 -44.61 51.85 -34.64
N ASP B 152 -45.74 51.23 -34.33
CA ASP B 152 -45.83 50.32 -33.20
C ASP B 152 -45.15 48.99 -33.49
N ASP B 153 -45.27 48.49 -34.72
CA ASP B 153 -44.67 47.22 -35.10
C ASP B 153 -43.15 47.23 -34.99
N LEU B 154 -42.51 48.33 -35.39
CA LEU B 154 -41.05 48.39 -35.32
C LEU B 154 -40.56 48.47 -33.89
N ASP B 155 -41.38 48.99 -32.97
CA ASP B 155 -40.99 49.04 -31.57
C ASP B 155 -41.06 47.66 -30.93
N TRP B 156 -41.79 46.73 -31.55
CA TRP B 156 -41.78 45.34 -31.08
C TRP B 156 -40.38 44.77 -31.14
N TYR B 157 -39.68 44.97 -32.25
CA TYR B 157 -38.37 44.39 -32.46
C TYR B 157 -37.30 45.01 -31.57
N GLN B 158 -37.50 46.26 -31.13
CA GLN B 158 -36.54 46.90 -30.24
C GLN B 158 -36.50 46.23 -28.86
N ALA B 159 -37.63 45.74 -28.35
CA ALA B 159 -37.70 45.16 -27.02
C ALA B 159 -36.83 43.91 -26.87
N LEU B 160 -36.86 43.01 -27.86
CA LEU B 160 -36.04 41.82 -27.77
C LEU B 160 -34.56 42.15 -27.75
N VAL B 161 -34.13 43.10 -28.59
CA VAL B 161 -32.73 43.49 -28.61
C VAL B 161 -32.33 44.18 -27.30
N TRP B 162 -33.23 44.98 -26.72
CA TRP B 162 -32.97 45.54 -25.40
C TRP B 162 -32.84 44.44 -24.35
N SER B 163 -33.75 43.46 -24.39
CA SER B 163 -33.70 42.35 -23.43
C SER B 163 -32.54 41.41 -23.68
N LEU B 164 -31.99 41.41 -24.89
CA LEU B 164 -30.84 40.56 -25.19
C LEU B 164 -29.60 41.00 -24.44
N LEU B 165 -29.61 42.19 -23.84
CA LEU B 165 -28.45 42.73 -23.14
C LEU B 165 -28.62 42.76 -21.63
N GLU B 166 -29.85 42.79 -21.13
CA GLU B 166 -30.11 43.02 -19.72
C GLU B 166 -30.28 41.74 -18.92
N GLY B 167 -29.60 40.67 -19.29
CA GLY B 167 -29.69 39.43 -18.55
C GLY B 167 -28.38 38.67 -18.48
N GLU B 168 -27.29 39.29 -18.92
CA GLU B 168 -26.01 38.61 -19.01
C GLU B 168 -24.95 39.49 -18.37
N PRO B 169 -23.94 38.90 -17.71
CA PRO B 169 -22.89 39.72 -17.09
C PRO B 169 -22.05 40.48 -18.11
N SER B 170 -21.51 39.77 -19.10
CA SER B 170 -20.62 40.34 -20.09
C SER B 170 -21.21 40.13 -21.47
N ILE B 171 -21.51 41.23 -22.17
CA ILE B 171 -22.03 41.20 -23.53
C ILE B 171 -21.85 42.59 -24.13
N SER B 172 -21.75 42.62 -25.46
CA SER B 172 -21.49 43.86 -26.19
C SER B 172 -22.59 44.04 -27.23
N ARG B 173 -22.35 44.96 -28.17
CA ARG B 173 -23.33 45.35 -29.19
C ARG B 173 -23.99 44.14 -29.84
N ALA B 174 -25.31 44.21 -29.98
CA ALA B 174 -26.09 43.21 -30.70
C ALA B 174 -26.95 43.92 -31.75
N ALA B 175 -27.17 43.25 -32.87
CA ALA B 175 -27.87 43.87 -33.98
C ALA B 175 -28.72 42.85 -34.70
N ILE B 176 -29.74 43.35 -35.41
CA ILE B 176 -30.64 42.52 -36.21
C ILE B 176 -30.81 43.18 -37.57
N THR B 177 -30.74 42.37 -38.64
CA THR B 177 -30.96 42.91 -39.97
C THR B 177 -32.44 43.11 -40.26
N PHE B 178 -33.21 42.02 -40.26
CA PHE B 178 -34.62 42.03 -40.63
C PHE B 178 -34.83 42.71 -41.98
N SER B 179 -34.27 42.09 -43.01
CA SER B 179 -34.37 42.59 -44.38
C SER B 179 -35.71 42.16 -44.96
N THR B 180 -36.76 42.88 -44.56
CA THR B 180 -38.13 42.63 -45.00
C THR B 180 -38.56 41.19 -44.72
N ALA B 187 -34.46 48.05 -48.36
CA ALA B 187 -35.19 47.94 -47.10
C ALA B 187 -34.38 47.17 -46.06
N PRO B 188 -33.39 47.83 -45.47
CA PRO B 188 -32.58 47.16 -44.43
C PRO B 188 -33.34 46.93 -43.13
N GLN B 189 -33.92 47.99 -42.58
CA GLN B 189 -34.57 47.99 -41.26
C GLN B 189 -33.70 47.31 -40.21
N VAL B 190 -32.42 47.71 -40.20
CA VAL B 190 -31.41 47.12 -39.33
C VAL B 190 -31.39 47.88 -38.01
N PHE B 191 -31.53 47.15 -36.90
CA PHE B 191 -31.51 47.72 -35.56
C PHE B 191 -30.24 47.27 -34.84
N LEU B 192 -29.72 48.15 -33.98
CA LEU B 192 -28.51 47.85 -33.22
C LEU B 192 -28.55 48.59 -31.89
N GLN B 193 -27.74 48.09 -30.95
CA GLN B 193 -27.60 48.72 -29.64
C GLN B 193 -26.15 48.67 -29.20
N ALA B 194 -25.83 49.46 -28.18
CA ALA B 194 -24.47 49.58 -27.66
C ALA B 194 -24.26 48.52 -26.57
N THR B 195 -23.19 48.67 -25.79
CA THR B 195 -22.76 47.67 -24.81
C THR B 195 -23.77 47.48 -23.68
N ARG B 196 -23.47 46.56 -22.78
CA ARG B 196 -24.38 46.21 -21.70
C ARG B 196 -24.58 47.38 -20.75
N GLU B 197 -25.82 47.56 -20.29
CA GLU B 197 -26.26 48.56 -19.32
C GLU B 197 -26.20 49.98 -19.89
N GLU B 198 -25.66 50.16 -21.10
CA GLU B 198 -25.60 51.47 -21.75
C GLU B 198 -25.73 51.24 -23.25
N SER B 199 -26.96 51.33 -23.75
CA SER B 199 -27.23 51.05 -25.15
C SER B 199 -28.42 51.88 -25.61
N ARG B 200 -28.37 52.34 -26.86
CA ARG B 200 -29.42 53.12 -27.49
C ARG B 200 -29.89 52.43 -28.76
N ILE B 201 -30.78 53.08 -29.50
CA ILE B 201 -31.34 52.53 -30.72
C ILE B 201 -30.86 53.34 -31.91
N LEU B 202 -30.45 52.63 -32.96
CA LEU B 202 -29.96 53.27 -34.17
C LEU B 202 -30.41 52.45 -35.37
N LEU B 203 -30.98 53.11 -36.37
CA LEU B 203 -31.47 52.45 -37.58
C LEU B 203 -30.53 52.76 -38.74
N GLN B 204 -29.99 51.72 -39.36
CA GLN B 204 -29.11 51.90 -40.50
C GLN B 204 -29.93 52.10 -41.78
N ASP B 205 -29.24 52.40 -42.87
CA ASP B 205 -29.90 52.61 -44.15
C ASP B 205 -29.21 51.81 -45.25
N SER B 261 -26.49 26.80 -41.02
CA SER B 261 -27.16 27.52 -39.93
C SER B 261 -26.86 26.88 -38.58
N HIS B 262 -27.87 26.89 -37.70
CA HIS B 262 -27.77 26.31 -36.37
C HIS B 262 -26.62 26.89 -35.56
N PHE B 263 -26.67 28.20 -35.32
CA PHE B 263 -25.79 28.88 -34.37
C PHE B 263 -24.30 28.71 -34.76
N LYS B 264 -23.97 29.29 -35.91
CA LYS B 264 -22.60 29.27 -36.39
C LYS B 264 -21.72 30.12 -35.45
N TRP B 265 -20.41 29.98 -35.60
CA TRP B 265 -19.46 30.64 -34.70
C TRP B 265 -18.57 31.58 -35.50
N SER B 266 -17.76 32.35 -34.79
CA SER B 266 -16.83 33.29 -35.38
C SER B 266 -15.51 33.22 -34.64
N PRO B 267 -14.40 33.46 -35.34
CA PRO B 267 -13.10 33.50 -34.67
C PRO B 267 -12.96 34.75 -33.81
N PRO B 268 -11.92 34.84 -32.97
CA PRO B 268 -11.70 36.09 -32.22
C PRO B 268 -11.57 37.28 -33.15
N TYR B 269 -11.62 38.35 -32.54
CA TYR B 269 -11.80 39.44 -33.47
C TYR B 269 -11.13 40.60 -32.79
N LEU B 270 -11.07 41.62 -33.56
CA LEU B 270 -10.69 42.93 -33.07
C LEU B 270 -11.29 44.00 -33.98
N GLU B 271 -11.82 45.06 -33.35
CA GLU B 271 -12.58 46.08 -34.05
C GLU B 271 -11.70 46.80 -35.06
N CYS B 272 -12.13 46.84 -36.32
CA CYS B 272 -11.35 47.50 -37.37
C CYS B 272 -11.33 49.02 -37.50
N GLU B 273 -12.36 49.68 -36.97
CA GLU B 273 -12.52 51.13 -36.96
C GLU B 273 -11.22 51.87 -37.32
N ASN B 274 -10.47 52.38 -36.35
CA ASN B 274 -9.20 53.04 -36.61
C ASN B 274 -8.22 52.88 -35.46
N GLY B 275 -7.07 52.31 -35.75
CA GLY B 275 -6.13 51.97 -34.68
C GLY B 275 -6.49 50.61 -34.14
N SER B 276 -6.29 50.42 -32.84
CA SER B 276 -6.56 49.10 -32.26
C SER B 276 -7.56 49.13 -31.12
N TYR B 277 -7.47 50.11 -30.22
CA TYR B 277 -8.30 50.19 -29.02
C TYR B 277 -8.16 48.98 -28.12
N LYS B 278 -8.90 48.98 -27.02
CA LYS B 278 -8.80 48.02 -25.92
C LYS B 278 -9.50 46.66 -26.10
N PRO B 279 -10.59 46.55 -26.91
CA PRO B 279 -11.65 45.56 -26.61
C PRO B 279 -11.19 44.18 -26.14
N GLY B 280 -10.27 43.54 -26.86
CA GLY B 280 -9.73 42.30 -26.36
C GLY B 280 -10.22 41.03 -27.01
N TRP B 281 -10.29 41.00 -28.34
CA TRP B 281 -10.65 39.81 -29.10
C TRP B 281 -12.06 39.34 -28.78
N LEU B 282 -13.03 40.21 -29.04
CA LEU B 282 -14.43 39.88 -28.84
C LEU B 282 -14.90 38.94 -29.95
N VAL B 283 -15.70 37.96 -29.59
CA VAL B 283 -16.23 37.01 -30.57
C VAL B 283 -17.56 37.54 -31.12
N THR B 284 -17.99 36.99 -32.25
CA THR B 284 -19.16 37.44 -32.97
C THR B 284 -20.11 36.28 -33.24
N LEU B 285 -20.45 35.54 -32.18
CA LEU B 285 -21.40 34.45 -32.30
C LEU B 285 -22.72 34.95 -32.88
N SER B 286 -23.24 34.22 -33.86
CA SER B 286 -24.42 34.66 -34.59
C SER B 286 -25.27 33.46 -34.96
N SER B 287 -26.54 33.75 -35.25
CA SER B 287 -27.51 32.75 -35.65
C SER B 287 -28.11 33.14 -37.01
N ALA B 288 -29.11 32.37 -37.45
CA ALA B 288 -29.75 32.61 -38.73
C ALA B 288 -31.27 32.51 -38.57
N ILE B 289 -31.98 33.20 -39.44
CA ILE B 289 -33.44 33.23 -39.45
C ILE B 289 -33.91 32.75 -40.82
N TYR B 290 -34.85 31.81 -40.82
CA TYR B 290 -35.41 31.24 -42.04
C TYR B 290 -36.88 31.65 -42.15
N GLY B 291 -37.28 32.08 -43.33
CA GLY B 291 -38.64 32.52 -43.58
C GLY B 291 -39.38 31.58 -44.53
N LEU B 292 -40.71 31.57 -44.38
CA LEU B 292 -41.58 30.75 -45.22
C LEU B 292 -42.21 31.61 -46.30
N GLN B 293 -42.96 30.96 -47.19
CA GLN B 293 -43.64 31.64 -48.28
C GLN B 293 -45.05 31.11 -48.47
N PRO B 298 -38.33 29.47 -48.43
CA PRO B 298 -36.86 29.38 -48.38
C PRO B 298 -36.31 29.92 -47.06
N GLU B 299 -35.36 30.86 -47.13
CA GLU B 299 -34.74 31.47 -45.92
C GLU B 299 -34.87 33.00 -46.02
N PHE B 300 -34.83 33.68 -44.86
CA PHE B 300 -34.95 35.13 -44.82
C PHE B 300 -33.81 36.09 -45.15
N ARG B 301 -32.58 35.61 -45.37
CA ARG B 301 -31.42 36.46 -45.59
C ARG B 301 -31.16 37.40 -44.43
N GLY B 302 -31.50 36.97 -43.21
CA GLY B 302 -31.27 37.74 -42.01
C GLY B 302 -30.56 36.91 -40.95
N VAL B 303 -29.77 37.62 -40.13
CA VAL B 303 -28.96 36.99 -39.10
C VAL B 303 -29.09 37.79 -37.81
N MET B 304 -28.75 37.14 -36.70
CA MET B 304 -28.80 37.72 -35.36
C MET B 304 -27.37 37.81 -34.84
N LYS B 305 -26.88 39.02 -34.60
CA LYS B 305 -25.51 39.22 -34.14
C LYS B 305 -25.47 39.41 -32.63
N VAL B 306 -24.59 38.68 -31.96
CA VAL B 306 -24.28 38.88 -30.56
C VAL B 306 -22.77 38.97 -30.42
N ASP B 307 -22.29 40.06 -29.84
CA ASP B 307 -20.86 40.28 -29.62
C ASP B 307 -20.56 40.02 -28.15
N ILE B 308 -20.00 38.85 -27.86
CA ILE B 308 -19.62 38.53 -26.49
C ILE B 308 -18.29 39.19 -26.17
N ASN B 309 -18.24 39.86 -25.01
CA ASN B 309 -17.03 40.48 -24.51
C ASN B 309 -16.24 39.41 -23.77
N LEU B 310 -15.05 39.10 -24.27
CA LEU B 310 -14.26 37.98 -23.78
C LEU B 310 -13.01 38.45 -23.03
N GLN B 311 -12.95 39.73 -22.66
CA GLN B 311 -11.77 40.26 -21.98
C GLN B 311 -11.58 39.61 -20.62
N LYS B 312 -12.52 39.83 -19.70
CA LYS B 312 -12.41 39.35 -18.32
C LYS B 312 -12.83 37.87 -18.25
N VAL B 313 -12.16 37.06 -19.05
CA VAL B 313 -12.38 35.62 -19.12
C VAL B 313 -11.04 34.92 -18.96
N ASP B 314 -11.02 33.87 -18.13
CA ASP B 314 -9.80 33.11 -17.92
C ASP B 314 -9.27 32.56 -19.23
N ILE B 315 -8.00 32.83 -19.51
CA ILE B 315 -7.36 32.36 -20.73
C ILE B 315 -6.91 30.91 -20.52
N ASP B 316 -7.82 29.97 -20.80
CA ASP B 316 -7.58 28.54 -20.69
C ASP B 316 -6.80 28.19 -19.42
N GLN B 317 -6.00 27.12 -19.48
CA GLN B 317 -5.03 26.82 -18.44
C GLN B 317 -3.73 26.27 -19.03
N CYS B 318 -3.52 26.41 -20.35
CA CYS B 318 -2.32 25.97 -21.04
C CYS B 318 -2.14 24.45 -20.99
N SER B 319 -3.22 23.72 -20.69
CA SER B 319 -3.23 22.26 -20.64
C SER B 319 -4.65 21.76 -20.49
N SER B 320 -4.84 20.43 -20.45
CA SER B 320 -6.14 19.83 -20.12
C SER B 320 -7.19 20.39 -21.10
N ASP B 321 -7.14 19.83 -22.31
CA ASP B 321 -7.63 20.47 -23.54
C ASP B 321 -8.90 21.31 -23.57
N GLY B 322 -8.73 22.61 -23.77
CA GLY B 322 -9.80 23.59 -23.74
C GLY B 322 -9.87 24.55 -24.92
N TRP B 323 -9.64 25.83 -24.64
CA TRP B 323 -9.63 26.90 -25.61
C TRP B 323 -8.23 27.50 -25.81
N PHE B 324 -8.00 28.07 -27.01
CA PHE B 324 -6.67 28.46 -27.53
C PHE B 324 -5.32 28.05 -27.03
N SER B 325 -5.25 27.42 -25.85
CA SER B 325 -3.99 26.82 -25.36
C SER B 325 -4.57 25.41 -25.41
N GLY B 326 -4.12 24.66 -26.41
CA GLY B 326 -4.53 23.27 -26.55
C GLY B 326 -3.54 22.21 -26.11
N THR B 327 -3.71 21.77 -24.86
CA THR B 327 -3.25 20.50 -24.29
C THR B 327 -1.73 20.40 -24.08
N HIS B 328 -0.93 21.21 -24.77
CA HIS B 328 0.44 21.38 -24.31
C HIS B 328 0.81 22.86 -24.22
N LYS B 329 0.79 23.51 -25.37
CA LYS B 329 0.80 24.96 -25.55
C LYS B 329 1.55 25.75 -24.48
N CYS B 330 2.83 25.44 -24.26
CA CYS B 330 3.63 26.29 -23.38
C CYS B 330 5.10 26.09 -23.70
N HIS B 331 5.94 26.48 -22.75
CA HIS B 331 7.38 26.32 -22.86
C HIS B 331 7.82 25.06 -22.13
N LEU B 332 7.70 23.92 -22.81
CA LEU B 332 8.39 22.68 -22.46
C LEU B 332 8.03 22.16 -21.07
N ASN B 333 6.77 21.73 -20.95
CA ASN B 333 6.39 20.91 -19.80
C ASN B 333 7.26 19.65 -19.71
N ASN B 334 7.12 18.77 -20.70
CA ASN B 334 7.74 17.45 -20.66
C ASN B 334 8.87 17.25 -21.66
N SER B 335 9.05 18.16 -22.61
CA SER B 335 10.12 17.99 -23.60
C SER B 335 11.50 18.20 -23.00
N GLU B 336 11.60 18.88 -21.87
CA GLU B 336 12.91 19.18 -21.29
C GLU B 336 13.01 18.71 -19.84
N CYS B 337 11.95 18.90 -19.06
CA CYS B 337 11.97 18.62 -17.62
C CYS B 337 10.76 17.75 -17.24
N MET B 338 10.91 16.44 -17.40
CA MET B 338 9.89 15.45 -17.01
C MET B 338 10.43 14.02 -17.12
N PRO B 339 11.04 13.62 -18.24
CA PRO B 339 11.58 12.25 -18.29
C PRO B 339 12.70 12.02 -17.28
N ILE B 340 13.65 12.96 -17.19
CA ILE B 340 14.72 12.83 -16.19
C ILE B 340 14.15 13.06 -14.79
N LYS B 341 13.26 14.03 -14.65
CA LYS B 341 12.67 14.40 -13.35
C LYS B 341 11.26 13.84 -13.28
N GLY B 342 11.14 12.65 -12.71
CA GLY B 342 9.83 12.02 -12.60
C GLY B 342 8.88 12.86 -11.75
N LEU B 343 7.61 12.86 -12.13
CA LEU B 343 6.57 13.66 -11.48
C LEU B 343 6.95 15.14 -11.48
N GLY B 344 7.08 15.69 -12.69
CA GLY B 344 7.54 17.06 -12.84
C GLY B 344 6.61 18.09 -12.23
N PHE B 345 5.30 17.91 -12.40
CA PHE B 345 4.29 18.84 -11.90
C PHE B 345 4.53 20.27 -12.36
N VAL B 346 4.88 20.45 -13.63
CA VAL B 346 5.23 21.77 -14.15
C VAL B 346 4.04 22.71 -14.25
N LEU B 347 2.81 22.19 -14.16
CA LEU B 347 1.62 23.02 -14.33
C LEU B 347 1.14 23.58 -12.99
N GLY B 348 0.80 22.69 -12.05
CA GLY B 348 0.27 23.10 -10.78
C GLY B 348 -1.18 23.50 -10.88
N ALA B 349 -1.44 24.72 -11.39
CA ALA B 349 -2.79 25.09 -11.80
C ALA B 349 -2.80 25.87 -13.10
N TYR B 350 -1.63 26.21 -13.65
CA TYR B 350 -1.52 26.92 -14.91
C TYR B 350 -0.16 26.66 -15.53
N GLU B 351 -0.11 25.81 -16.55
CA GLU B 351 1.15 25.33 -17.10
C GLU B 351 1.92 26.42 -17.84
N CYS B 352 3.22 26.57 -17.51
CA CYS B 352 4.19 27.31 -18.30
C CYS B 352 3.71 28.72 -18.63
N ILE B 353 3.13 29.46 -17.69
CA ILE B 353 1.95 30.30 -17.96
C ILE B 353 2.07 30.96 -19.33
N CYS B 354 1.08 30.71 -20.19
CA CYS B 354 1.26 30.84 -21.62
C CYS B 354 0.84 32.24 -22.09
N LYS B 355 0.68 32.39 -23.41
CA LYS B 355 0.46 33.67 -24.09
C LYS B 355 -0.50 34.59 -23.35
N ALA B 356 -1.64 34.05 -22.90
CA ALA B 356 -2.62 34.78 -22.09
C ALA B 356 -3.09 36.01 -22.88
N GLY B 357 -3.08 37.20 -22.30
CA GLY B 357 -3.53 38.41 -22.97
C GLY B 357 -4.97 38.79 -22.74
N PHE B 358 -5.81 37.87 -22.26
CA PHE B 358 -7.21 38.21 -22.01
C PHE B 358 -7.40 38.87 -20.65
N TYR B 359 -7.05 38.16 -19.58
CA TYR B 359 -7.24 38.67 -18.23
C TYR B 359 -6.31 37.92 -17.28
N HIS B 360 -6.22 38.43 -16.06
CA HIS B 360 -5.41 37.83 -14.99
C HIS B 360 -6.36 37.43 -13.86
N PRO B 361 -6.99 36.26 -13.95
CA PRO B 361 -7.96 35.86 -12.94
C PRO B 361 -7.32 35.29 -11.69
N GLY B 362 -8.14 34.81 -10.76
CA GLY B 362 -7.66 34.29 -9.49
C GLY B 362 -7.02 32.92 -9.54
N VAL B 363 -6.88 32.34 -10.74
CA VAL B 363 -6.25 31.03 -10.87
C VAL B 363 -4.77 31.05 -10.51
N LEU B 364 -4.18 32.25 -10.36
CA LEU B 364 -2.78 32.41 -10.00
C LEU B 364 -1.86 31.65 -10.95
N PRO B 365 -1.65 32.15 -12.18
CA PRO B 365 -0.75 31.48 -13.12
C PRO B 365 0.57 31.06 -12.49
N VAL B 366 0.83 29.75 -12.46
CA VAL B 366 1.99 29.20 -11.77
C VAL B 366 3.12 29.14 -12.81
N ASN B 367 4.02 30.11 -12.73
CA ASN B 367 5.20 30.14 -13.59
C ASN B 367 6.35 29.38 -12.93
N ASN B 368 6.99 28.52 -13.71
CA ASN B 368 8.07 27.65 -13.24
C ASN B 368 7.61 26.81 -12.04
N PHE B 369 6.39 26.28 -12.14
CA PHE B 369 5.81 25.48 -11.07
C PHE B 369 6.46 24.11 -10.93
N ARG B 370 7.31 23.71 -11.87
CA ARG B 370 7.94 22.40 -11.83
C ARG B 370 8.86 22.28 -10.63
N ARG B 371 8.61 21.26 -9.80
CA ARG B 371 9.47 20.94 -8.67
C ARG B 371 10.12 19.57 -8.83
N ARG B 372 9.30 18.52 -8.98
CA ARG B 372 9.77 17.16 -9.23
C ARG B 372 10.76 16.69 -8.17
N GLY B 373 10.60 17.17 -6.94
CA GLY B 373 11.52 16.85 -5.87
C GLY B 373 12.92 17.31 -6.19
N PRO B 374 13.93 16.31 -6.40
CA PRO B 374 15.58 16.15 -6.76
C PRO B 374 15.84 15.77 -8.23
N ASP B 375 16.82 14.88 -8.45
CA ASP B 375 17.25 14.33 -9.76
C ASP B 375 18.03 15.37 -10.58
N GLN B 376 18.26 15.08 -11.86
CA GLN B 376 19.00 15.98 -12.77
C GLN B 376 18.24 17.30 -12.94
N HIS B 377 16.92 17.23 -13.07
CA HIS B 377 16.08 18.45 -13.27
C HIS B 377 15.35 18.84 -11.98
N ILE B 378 15.67 20.02 -11.44
CA ILE B 378 15.04 20.55 -10.23
C ILE B 378 13.91 21.49 -10.60
N SER B 379 13.94 22.71 -10.07
CA SER B 379 12.90 23.69 -10.31
C SER B 379 13.17 24.51 -11.57
N GLY B 380 14.35 25.10 -11.67
CA GLY B 380 14.69 25.90 -12.82
C GLY B 380 15.14 27.30 -12.46
N SER B 381 15.41 27.54 -11.18
CA SER B 381 15.84 28.85 -10.72
C SER B 381 17.34 29.04 -10.93
N THR B 382 17.82 28.76 -12.15
CA THR B 382 19.20 29.01 -12.53
C THR B 382 19.31 30.00 -13.68
N LYS B 383 18.58 29.78 -14.77
CA LYS B 383 18.57 30.64 -15.93
C LYS B 383 17.35 30.28 -16.76
N ASP B 384 17.22 30.90 -17.94
CA ASP B 384 16.12 30.61 -18.87
C ASP B 384 14.72 30.88 -18.32
N VAL B 385 14.54 32.10 -17.81
CA VAL B 385 13.27 32.51 -17.20
C VAL B 385 12.44 33.74 -17.52
N SER B 386 11.26 33.63 -17.98
CA SER B 386 10.39 34.75 -18.37
C SER B 386 9.85 34.03 -19.62
N GLU B 387 9.60 34.79 -20.68
CA GLU B 387 9.00 34.22 -21.89
C GLU B 387 9.85 33.11 -22.48
N GLU B 388 11.16 33.31 -22.53
CA GLU B 388 12.08 32.30 -23.05
C GLU B 388 12.54 31.42 -21.89
N ALA B 389 11.88 30.28 -21.72
CA ALA B 389 12.18 29.35 -20.63
C ALA B 389 12.55 27.88 -20.50
N TYR B 390 13.71 27.53 -21.03
CA TYR B 390 14.21 26.16 -21.02
C TYR B 390 15.01 24.92 -20.64
N VAL B 391 16.11 25.14 -19.91
CA VAL B 391 16.92 24.07 -19.32
C VAL B 391 16.29 23.41 -18.10
N CYS B 392 16.06 24.20 -17.06
CA CYS B 392 15.52 23.74 -15.76
C CYS B 392 16.17 22.45 -15.29
N LEU B 393 17.47 22.32 -15.57
CA LEU B 393 18.22 21.10 -15.26
C LEU B 393 19.38 21.41 -14.33
N PRO B 394 19.22 21.23 -13.01
CA PRO B 394 20.32 21.50 -12.08
C PRO B 394 20.03 20.95 -10.69
N CYS B 395 21.00 21.11 -9.77
CA CYS B 395 20.83 20.78 -8.36
C CYS B 395 20.43 19.30 -8.17
N ARG B 396 21.36 18.43 -8.54
CA ARG B 396 21.12 16.99 -8.45
C ARG B 396 22.40 16.31 -7.98
N GLU B 397 22.48 15.98 -6.69
CA GLU B 397 23.57 15.15 -6.20
C GLU B 397 23.07 14.35 -5.01
N GLY B 398 22.53 13.16 -5.27
CA GLY B 398 22.26 12.20 -4.22
C GLY B 398 21.09 12.50 -3.30
N CYS B 399 20.69 13.77 -3.21
CA CYS B 399 19.76 14.17 -2.16
C CYS B 399 18.64 15.07 -2.71
N PRO B 400 17.50 15.16 -2.01
CA PRO B 400 16.45 16.11 -2.39
C PRO B 400 16.77 17.54 -1.96
N PHE B 401 17.94 18.02 -2.39
CA PHE B 401 18.40 19.36 -2.02
C PHE B 401 18.72 20.15 -3.29
N CYS B 402 19.27 21.36 -3.13
CA CYS B 402 19.68 22.15 -4.27
C CYS B 402 20.99 22.85 -3.94
N ALA B 403 22.11 22.20 -4.23
CA ALA B 403 23.44 22.71 -3.98
C ALA B 403 24.48 21.86 -4.70
N ASP B 404 25.75 22.04 -4.39
CA ASP B 404 26.83 21.25 -4.93
C ASP B 404 26.90 19.92 -4.18
N ASP B 405 27.98 19.16 -4.38
CA ASP B 405 28.07 17.86 -3.72
C ASP B 405 28.61 17.99 -2.31
N SER B 406 28.08 18.96 -1.56
CA SER B 406 28.30 19.13 -0.12
C SER B 406 27.44 18.20 0.72
N PRO B 407 26.16 17.98 0.40
CA PRO B 407 25.30 17.14 1.24
C PRO B 407 25.68 15.67 1.19
N CYS B 408 24.75 14.86 1.70
CA CYS B 408 24.94 13.45 2.00
C CYS B 408 25.47 12.65 0.80
N PHE B 409 25.83 11.39 1.07
CA PHE B 409 26.79 10.60 0.30
C PHE B 409 28.16 11.24 0.41
N VAL B 410 28.68 11.26 1.64
CA VAL B 410 29.97 11.86 1.96
C VAL B 410 31.04 11.36 1.00
N GLN B 411 31.95 12.26 0.62
CA GLN B 411 33.05 11.92 -0.28
C GLN B 411 33.99 10.91 0.37
N GLU B 412 34.12 9.73 -0.24
CA GLU B 412 35.04 8.71 0.26
C GLU B 412 36.46 9.09 -0.11
N ASP B 413 37.31 9.31 0.89
CA ASP B 413 38.70 9.64 0.63
C ASP B 413 39.39 8.50 -0.10
N LYS B 414 40.00 8.83 -1.24
CA LYS B 414 40.67 7.84 -2.08
C LYS B 414 42.16 7.76 -1.78
N TYR B 415 42.73 8.78 -1.13
CA TYR B 415 44.12 8.76 -0.72
C TYR B 415 44.37 7.90 0.50
N LEU B 416 43.32 7.53 1.24
CA LEU B 416 43.42 6.67 2.41
C LEU B 416 42.92 5.25 2.13
N ARG B 417 42.03 5.10 1.14
CA ARG B 417 41.55 3.78 0.77
C ARG B 417 42.46 3.07 -0.22
N LEU B 418 43.51 3.75 -0.72
CA LEU B 418 44.49 3.12 -1.59
C LEU B 418 45.79 2.82 -0.85
N ALA B 419 45.91 3.24 0.41
CA ALA B 419 47.05 2.88 1.24
C ALA B 419 46.71 1.77 2.21
N ILE B 420 45.53 1.16 2.08
CA ILE B 420 45.09 0.08 2.97
C ILE B 420 44.86 -1.19 2.16
N ILE B 421 44.07 -1.08 1.09
CA ILE B 421 43.83 -2.25 0.25
C ILE B 421 45.10 -2.67 -0.46
N SER B 422 45.97 -1.71 -0.77
CA SER B 422 47.26 -1.99 -1.38
C SER B 422 48.27 -2.55 -0.40
N PHE B 423 48.05 -2.36 0.91
CA PHE B 423 48.88 -2.95 1.94
C PHE B 423 48.24 -4.21 2.52
N GLN B 424 46.93 -4.36 2.39
CA GLN B 424 46.25 -5.60 2.73
C GLN B 424 46.51 -6.70 1.73
N ALA B 425 46.83 -6.35 0.48
CA ALA B 425 47.14 -7.33 -0.55
C ALA B 425 48.63 -7.55 -0.75
N LEU B 426 49.48 -6.71 -0.14
CA LEU B 426 50.91 -6.99 -0.08
C LEU B 426 51.27 -7.90 1.07
N CYS B 427 50.50 -7.89 2.16
CA CYS B 427 50.67 -8.84 3.25
C CYS B 427 49.89 -10.13 3.00
N MET B 428 49.04 -10.16 1.97
CA MET B 428 48.35 -11.38 1.59
C MET B 428 49.16 -12.25 0.64
N LEU B 429 49.82 -11.65 -0.35
CA LEU B 429 50.71 -12.37 -1.25
C LEU B 429 52.04 -12.72 -0.59
N LEU B 430 52.44 -11.99 0.46
CA LEU B 430 53.58 -12.34 1.28
C LEU B 430 53.25 -13.48 2.23
N ASP B 431 51.96 -13.84 2.33
CA ASP B 431 51.54 -15.00 3.09
C ASP B 431 51.37 -16.25 2.24
N PHE B 432 51.00 -16.10 0.97
CA PHE B 432 50.99 -17.22 0.03
C PHE B 432 52.38 -17.65 -0.40
N VAL B 433 53.33 -16.72 -0.49
CA VAL B 433 54.70 -17.08 -0.77
C VAL B 433 55.28 -17.91 0.36
N SER B 434 54.94 -17.61 1.60
CA SER B 434 55.41 -18.35 2.76
C SER B 434 54.90 -19.79 2.80
N MET B 435 53.85 -20.10 2.05
CA MET B 435 53.40 -21.49 1.91
C MET B 435 54.36 -22.32 1.09
N LEU B 436 55.00 -21.72 0.08
CA LEU B 436 55.96 -22.45 -0.73
C LEU B 436 57.30 -22.60 0.00
N VAL B 437 57.65 -21.62 0.83
CA VAL B 437 58.93 -21.66 1.52
C VAL B 437 58.98 -22.82 2.50
N VAL B 438 57.93 -23.00 3.31
CA VAL B 438 57.90 -24.10 4.26
C VAL B 438 57.86 -25.44 3.53
N TYR B 439 57.23 -25.47 2.35
CA TYR B 439 57.24 -26.69 1.55
C TYR B 439 58.65 -27.07 1.11
N HIS B 440 59.45 -26.05 0.73
CA HIS B 440 60.82 -26.32 0.31
C HIS B 440 61.69 -26.70 1.51
N PHE B 441 61.34 -26.21 2.70
CA PHE B 441 62.07 -26.50 3.92
C PHE B 441 61.42 -27.58 4.78
N ARG B 442 60.64 -28.47 4.16
CA ARG B 442 59.91 -29.49 4.92
C ARG B 442 60.83 -30.54 5.53
N LYS B 443 62.10 -30.59 5.15
CA LYS B 443 63.03 -31.59 5.64
C LYS B 443 63.85 -31.09 6.82
N ALA B 444 63.54 -29.92 7.35
CA ALA B 444 64.29 -29.36 8.47
C ALA B 444 63.89 -30.05 9.77
N LYS B 445 64.72 -29.85 10.79
CA LYS B 445 64.49 -30.43 12.11
C LYS B 445 63.49 -29.63 12.93
N SER B 446 63.19 -28.39 12.53
CA SER B 446 62.23 -27.55 13.25
C SER B 446 60.81 -27.66 12.72
N ILE B 447 60.63 -27.99 11.44
CA ILE B 447 59.30 -28.16 10.87
C ILE B 447 58.80 -29.60 10.98
N ARG B 448 59.71 -30.58 11.01
CA ARG B 448 59.29 -31.97 11.17
C ARG B 448 58.58 -32.19 12.49
N ALA B 449 59.03 -31.52 13.55
CA ALA B 449 58.38 -31.65 14.85
C ALA B 449 56.95 -31.13 14.82
N SER B 450 56.73 -29.98 14.19
CA SER B 450 55.39 -29.42 14.09
C SER B 450 54.55 -30.18 13.07
N GLY B 451 55.14 -30.49 11.92
CA GLY B 451 54.41 -31.22 10.88
C GLY B 451 54.04 -30.28 9.74
N LEU B 452 54.20 -30.79 8.52
CA LEU B 452 53.89 -30.02 7.32
C LEU B 452 52.39 -29.88 7.09
N ILE B 453 51.57 -30.72 7.70
CA ILE B 453 50.13 -30.64 7.38
C ILE B 453 49.44 -29.80 8.44
N LEU B 454 50.00 -29.73 9.65
CA LEU B 454 49.42 -28.89 10.70
C LEU B 454 50.00 -27.48 10.69
N LEU B 455 50.94 -27.18 9.80
CA LEU B 455 51.54 -25.86 9.71
C LEU B 455 51.01 -25.04 8.55
N GLU B 456 50.52 -25.69 7.49
CA GLU B 456 49.87 -24.98 6.40
C GLU B 456 48.36 -24.88 6.56
N THR B 457 47.75 -25.71 7.41
CA THR B 457 46.35 -25.48 7.76
C THR B 457 46.19 -24.17 8.52
N ILE B 458 47.12 -23.88 9.43
CA ILE B 458 47.16 -22.58 10.08
C ILE B 458 47.42 -21.48 9.06
N LEU B 459 48.38 -21.70 8.17
CA LEU B 459 48.85 -20.68 7.24
C LEU B 459 47.89 -20.45 6.08
N PHE B 460 47.10 -21.45 5.68
CA PHE B 460 46.08 -21.27 4.67
C PHE B 460 44.80 -20.68 5.21
N GLY B 461 44.46 -20.96 6.47
CA GLY B 461 43.28 -20.40 7.10
C GLY B 461 43.42 -18.96 7.52
N SER B 462 44.61 -18.37 7.40
CA SER B 462 44.82 -16.96 7.68
C SER B 462 44.54 -16.08 6.46
N LEU B 463 44.39 -16.69 5.28
CA LEU B 463 43.94 -15.95 4.10
C LEU B 463 42.46 -15.64 4.13
N LEU B 464 41.64 -16.51 4.72
CA LEU B 464 40.24 -16.23 4.95
C LEU B 464 40.03 -15.14 5.99
N LEU B 465 40.99 -14.95 6.89
CA LEU B 465 40.96 -13.89 7.87
C LEU B 465 41.39 -12.55 7.29
N TYR B 466 41.90 -12.52 6.07
CA TYR B 466 42.19 -11.29 5.36
C TYR B 466 41.08 -10.88 4.40
N PHE B 467 39.88 -11.44 4.55
CA PHE B 467 38.75 -10.92 3.79
C PHE B 467 37.65 -10.40 4.71
N PRO B 468 37.99 -9.78 5.85
CA PRO B 468 37.14 -8.71 6.39
C PRO B 468 37.25 -7.37 5.66
N VAL B 469 38.36 -7.12 4.97
CA VAL B 469 38.63 -5.80 4.40
C VAL B 469 38.42 -5.75 2.89
N VAL B 470 38.83 -6.78 2.15
CA VAL B 470 38.61 -6.81 0.71
C VAL B 470 37.12 -6.87 0.37
N ILE B 471 36.29 -7.45 1.23
CA ILE B 471 34.86 -7.50 1.01
C ILE B 471 34.15 -6.25 1.52
N LEU B 472 34.65 -5.63 2.58
CA LEU B 472 34.07 -4.41 3.14
C LEU B 472 34.51 -3.15 2.38
N TYR B 473 35.49 -3.27 1.48
CA TYR B 473 36.03 -2.13 0.75
C TYR B 473 35.12 -1.67 -0.37
N PHE B 474 34.59 -2.58 -1.19
CA PHE B 474 33.87 -2.19 -2.40
C PHE B 474 32.61 -1.40 -2.10
N GLU B 475 31.61 -2.05 -1.49
CA GLU B 475 30.32 -1.43 -1.22
C GLU B 475 29.45 -2.45 -0.50
N PRO B 476 28.52 -1.99 0.35
CA PRO B 476 27.53 -2.93 0.92
C PRO B 476 26.65 -3.52 -0.17
N SER B 477 26.26 -4.77 0.03
CA SER B 477 25.38 -5.47 -0.90
C SER B 477 24.72 -6.63 -0.14
N THR B 478 24.05 -7.51 -0.88
CA THR B 478 23.42 -8.68 -0.28
C THR B 478 24.31 -9.91 -0.27
N PHE B 479 24.89 -10.30 -1.40
CA PHE B 479 25.86 -11.38 -1.45
C PHE B 479 27.22 -10.95 -0.91
N ARG B 480 27.49 -9.65 -0.89
CA ARG B 480 28.75 -9.11 -0.39
C ARG B 480 28.72 -8.85 1.11
N CYS B 481 27.56 -9.05 1.75
CA CYS B 481 27.48 -8.97 3.20
C CYS B 481 27.20 -10.33 3.85
N ILE B 482 26.72 -11.31 3.10
CA ILE B 482 26.67 -12.69 3.56
C ILE B 482 28.05 -13.33 3.59
N LEU B 483 28.92 -12.99 2.64
CA LEU B 483 30.26 -13.53 2.58
C LEU B 483 31.19 -12.97 3.65
N LEU B 484 30.78 -11.88 4.32
CA LEU B 484 31.59 -11.37 5.43
C LEU B 484 31.60 -12.35 6.60
N ARG B 485 30.46 -12.99 6.87
CA ARG B 485 30.36 -13.94 7.96
C ARG B 485 30.90 -15.32 7.60
N TRP B 486 31.00 -15.63 6.31
CA TRP B 486 31.55 -16.90 5.88
C TRP B 486 33.08 -16.94 5.89
N ALA B 487 33.73 -15.79 5.97
CA ALA B 487 35.19 -15.72 5.98
C ALA B 487 35.75 -15.42 7.37
N ARG B 488 34.90 -15.03 8.32
CA ARG B 488 35.32 -14.80 9.69
C ARG B 488 35.07 -15.99 10.60
N LEU B 489 34.01 -16.77 10.37
CA LEU B 489 33.73 -17.95 11.17
C LEU B 489 34.46 -19.19 10.68
N LEU B 490 34.86 -19.23 9.41
CA LEU B 490 35.64 -20.32 8.87
C LEU B 490 37.13 -20.07 8.90
N GLY B 491 37.55 -18.82 9.13
CA GLY B 491 38.96 -18.51 9.28
C GLY B 491 39.40 -18.57 10.72
N PHE B 492 38.43 -18.57 11.64
CA PHE B 492 38.71 -18.69 13.06
C PHE B 492 38.76 -20.14 13.51
N ALA B 493 37.86 -20.98 12.99
CA ALA B 493 37.86 -22.39 13.33
C ALA B 493 39.02 -23.14 12.70
N THR B 494 39.72 -22.53 11.74
CA THR B 494 40.86 -23.15 11.09
C THR B 494 42.20 -22.72 11.66
N VAL B 495 42.32 -21.46 12.07
CA VAL B 495 43.57 -20.98 12.65
C VAL B 495 43.64 -21.25 14.14
N TYR B 496 42.63 -20.81 14.89
CA TYR B 496 42.59 -21.02 16.34
C TYR B 496 41.83 -22.28 16.73
N GLY B 497 41.38 -23.05 15.74
CA GLY B 497 40.72 -24.30 16.02
C GLY B 497 41.67 -25.47 15.99
N THR B 498 42.87 -25.26 15.47
CA THR B 498 43.90 -26.27 15.43
C THR B 498 45.12 -25.90 16.26
N VAL B 499 45.27 -24.63 16.65
CA VAL B 499 46.28 -24.26 17.63
C VAL B 499 45.97 -24.85 19.00
N THR B 500 44.70 -24.83 19.42
CA THR B 500 44.29 -25.46 20.67
C THR B 500 44.23 -26.97 20.58
N LEU B 501 44.36 -27.54 19.37
CA LEU B 501 44.42 -28.99 19.20
C LEU B 501 45.84 -29.54 19.26
N LYS B 502 46.83 -28.82 18.72
CA LYS B 502 48.22 -29.21 18.89
C LYS B 502 48.80 -28.71 20.21
N LEU B 503 48.09 -27.82 20.91
CA LEU B 503 48.43 -27.46 22.28
C LEU B 503 47.79 -28.40 23.29
N HIS B 504 46.68 -29.03 22.94
CA HIS B 504 46.07 -30.11 23.72
C HIS B 504 46.85 -31.41 23.59
N ARG B 505 47.48 -31.64 22.44
CA ARG B 505 48.32 -32.82 22.27
C ARG B 505 49.51 -32.80 23.22
N VAL B 506 50.14 -31.64 23.37
CA VAL B 506 51.35 -31.54 24.18
C VAL B 506 51.08 -31.98 25.61
N LEU B 507 49.98 -31.52 26.20
CA LEU B 507 49.63 -31.93 27.55
C LEU B 507 49.35 -33.43 27.63
N LYS B 508 48.55 -33.94 26.70
CA LYS B 508 48.08 -35.32 26.77
C LYS B 508 49.17 -36.33 26.44
N VAL B 509 50.15 -35.98 25.61
CA VAL B 509 51.27 -36.86 25.33
C VAL B 509 52.20 -36.97 26.53
N PHE B 510 52.61 -35.84 27.11
CA PHE B 510 53.49 -35.89 28.28
C PHE B 510 52.81 -36.56 29.47
N LEU B 511 51.58 -36.14 29.76
CA LEU B 511 50.89 -36.62 30.96
C LEU B 511 50.67 -38.13 30.90
N SER B 512 50.34 -38.65 29.71
CA SER B 512 50.06 -40.07 29.57
C SER B 512 51.32 -40.89 29.32
N ARG B 513 52.37 -40.29 28.75
CA ARG B 513 53.60 -41.03 28.53
C ARG B 513 54.43 -41.09 29.80
N THR B 514 54.16 -40.22 30.76
CA THR B 514 54.70 -40.42 32.10
C THR B 514 54.24 -41.76 32.67
N ALA B 515 53.06 -42.22 32.25
CA ALA B 515 52.58 -43.56 32.54
C ALA B 515 53.17 -44.57 31.55
N GLN B 516 53.39 -44.17 30.30
CA GLN B 516 54.07 -44.95 29.27
C GLN B 516 52.89 -45.54 28.47
N ARG B 517 53.22 -45.91 27.20
CA ARG B 517 52.50 -46.02 25.94
C ARG B 517 51.70 -44.92 25.23
N ILE B 518 50.67 -45.31 24.48
CA ILE B 518 49.88 -44.48 23.58
C ILE B 518 50.74 -43.52 22.74
N PRO B 519 51.61 -44.04 21.84
CA PRO B 519 52.19 -43.18 20.80
C PRO B 519 51.13 -42.37 20.07
N TYR B 520 51.21 -41.05 20.15
CA TYR B 520 50.25 -40.20 19.44
C TYR B 520 50.71 -40.06 17.99
N MET B 521 49.95 -39.34 17.17
CA MET B 521 50.21 -39.30 15.74
C MET B 521 50.07 -37.85 15.29
N THR B 522 50.38 -37.58 14.02
CA THR B 522 50.30 -36.25 13.43
C THR B 522 49.00 -36.17 12.62
N GLY B 523 48.80 -35.15 11.78
CA GLY B 523 47.55 -34.96 11.06
C GLY B 523 46.94 -36.24 10.51
N GLY B 524 45.73 -36.53 10.98
CA GLY B 524 45.11 -37.83 10.81
C GLY B 524 44.46 -38.23 12.11
N ARG B 525 45.01 -37.75 13.22
CA ARG B 525 44.38 -37.83 14.53
C ARG B 525 44.16 -36.43 15.12
N VAL B 526 44.77 -35.40 14.54
CA VAL B 526 44.50 -34.02 14.90
C VAL B 526 43.73 -33.29 13.82
N MET B 527 43.92 -33.65 12.54
CA MET B 527 43.06 -33.17 11.46
C MET B 527 41.75 -33.96 11.41
N ARG B 528 41.66 -35.06 12.16
CA ARG B 528 40.40 -35.77 12.32
C ARG B 528 39.55 -35.23 13.47
N MET B 529 40.19 -34.70 14.52
CA MET B 529 39.47 -34.00 15.57
C MET B 529 39.08 -32.58 15.16
N LEU B 530 39.71 -32.04 14.12
CA LEU B 530 39.37 -30.71 13.62
C LEU B 530 38.17 -30.74 12.68
N ALA B 531 37.95 -31.85 11.98
CA ALA B 531 36.79 -31.97 11.11
C ALA B 531 35.48 -31.88 11.89
N VAL B 532 35.48 -32.32 13.15
CA VAL B 532 34.30 -32.14 14.00
C VAL B 532 34.06 -30.66 14.33
N ILE B 533 35.12 -29.89 14.62
CA ILE B 533 34.97 -28.46 14.82
C ILE B 533 34.53 -27.75 13.55
N LEU B 534 35.00 -28.20 12.39
CA LEU B 534 34.60 -27.62 11.12
C LEU B 534 33.29 -28.17 10.60
N LEU B 535 32.66 -29.10 11.32
CA LEU B 535 31.33 -29.57 10.98
C LEU B 535 30.22 -28.89 11.77
N VAL B 536 30.50 -28.47 13.01
CA VAL B 536 29.53 -27.69 13.77
C VAL B 536 29.43 -26.25 13.29
N VAL B 537 30.55 -25.65 12.85
CA VAL B 537 30.54 -24.29 12.34
C VAL B 537 30.06 -24.21 10.89
N PHE B 538 30.26 -25.27 10.10
CA PHE B 538 29.77 -25.32 8.73
C PHE B 538 28.27 -25.61 8.68
N TRP B 539 27.72 -26.24 9.71
CA TRP B 539 26.29 -26.45 9.85
C TRP B 539 25.55 -25.18 10.23
N PHE B 540 26.14 -24.36 11.10
CA PHE B 540 25.51 -23.10 11.49
C PHE B 540 25.44 -22.13 10.33
N LEU B 541 26.51 -22.06 9.54
CA LEU B 541 26.54 -21.12 8.42
C LEU B 541 25.47 -21.45 7.38
N ILE B 542 25.27 -22.73 7.09
CA ILE B 542 24.23 -23.13 6.14
C ILE B 542 22.85 -22.74 6.64
N GLY B 543 22.54 -22.99 7.90
CA GLY B 543 21.25 -22.63 8.46
C GLY B 543 21.04 -21.13 8.51
N TRP B 544 22.05 -20.39 8.94
CA TRP B 544 21.92 -18.93 9.03
C TRP B 544 21.77 -18.30 7.65
N THR B 545 22.53 -18.76 6.67
CA THR B 545 22.40 -18.23 5.32
C THR B 545 21.02 -18.53 4.75
N SER B 546 20.52 -19.75 4.96
CA SER B 546 19.18 -20.10 4.48
C SER B 546 18.10 -19.30 5.19
N SER B 547 18.25 -19.03 6.48
CA SER B 547 17.26 -18.26 7.23
C SER B 547 17.37 -16.75 7.01
N VAL B 548 18.47 -16.27 6.45
CA VAL B 548 18.61 -14.84 6.19
C VAL B 548 18.19 -14.49 4.78
N CYS B 549 18.31 -15.42 3.83
CA CYS B 549 17.78 -15.19 2.49
C CYS B 549 16.36 -15.73 2.36
N GLN B 550 15.54 -15.39 3.33
CA GLN B 550 14.11 -15.67 3.35
C GLN B 550 13.30 -14.43 3.68
N ASN B 551 13.79 -13.58 4.58
CA ASN B 551 13.13 -12.33 4.90
C ASN B 551 13.22 -11.30 3.77
N LEU B 552 14.06 -11.55 2.76
CA LEU B 552 14.19 -10.61 1.66
C LEU B 552 12.84 -10.36 0.98
N GLU B 553 11.95 -11.34 0.99
CA GLU B 553 10.60 -11.13 0.48
C GLU B 553 9.78 -10.24 1.40
N LYS B 554 10.21 -10.06 2.63
CA LYS B 554 9.48 -9.26 3.62
C LYS B 554 10.25 -8.07 4.14
N GLN B 555 11.54 -8.24 4.46
CA GLN B 555 12.37 -7.13 4.94
C GLN B 555 13.83 -7.49 4.76
N ILE B 556 14.62 -6.57 4.23
CA ILE B 556 16.05 -6.78 4.02
C ILE B 556 16.79 -5.99 5.09
N SER B 557 17.49 -6.71 5.96
CA SER B 557 18.32 -6.09 6.99
C SER B 557 19.80 -6.13 6.66
N LEU B 558 20.19 -6.73 5.53
CA LEU B 558 21.60 -6.82 5.17
C LEU B 558 22.20 -5.47 4.79
N ILE B 559 21.38 -4.49 4.41
CA ILE B 559 21.87 -3.15 4.08
C ILE B 559 21.05 -2.15 4.88
N GLY B 560 21.72 -1.30 5.65
CA GLY B 560 21.07 -0.28 6.44
C GLY B 560 21.59 1.09 6.09
N GLN B 561 21.30 2.04 6.98
CA GLN B 561 21.74 3.42 6.80
C GLN B 561 22.05 4.02 8.16
N GLY B 562 22.91 5.04 8.16
CA GLY B 562 23.37 5.65 9.38
C GLY B 562 23.06 7.14 9.40
N LYS B 563 23.20 7.72 10.59
CA LYS B 563 22.93 9.14 10.81
C LYS B 563 24.14 9.75 11.51
N THR B 564 24.76 10.74 10.86
CA THR B 564 25.88 11.44 11.46
C THR B 564 25.42 12.71 12.15
N SER B 565 26.38 13.41 12.76
CA SER B 565 26.06 14.68 13.42
C SER B 565 25.65 15.75 12.42
N ASP B 566 26.29 15.79 11.24
CA ASP B 566 26.03 16.82 10.25
C ASP B 566 24.98 16.40 9.22
N HIS B 567 24.05 15.51 9.61
CA HIS B 567 22.95 15.07 8.74
C HIS B 567 23.49 14.45 7.45
N LEU B 568 24.25 13.37 7.64
CA LEU B 568 24.83 12.61 6.55
C LEU B 568 24.53 11.13 6.75
N ILE B 569 24.34 10.42 5.65
CA ILE B 569 23.88 9.03 5.68
C ILE B 569 24.81 8.18 4.83
N PHE B 570 25.19 7.02 5.33
CA PHE B 570 26.05 6.08 4.62
C PHE B 570 25.41 4.70 4.60
N ASN B 571 25.90 3.86 3.69
CA ASN B 571 25.41 2.50 3.52
C ASN B 571 26.29 1.56 4.33
N MET B 572 25.69 0.81 5.25
CA MET B 572 26.41 -0.16 6.06
C MET B 572 25.67 -1.49 6.12
N CYS B 573 26.17 -2.43 6.92
CA CYS B 573 25.50 -3.68 7.19
C CYS B 573 24.97 -3.68 8.61
N LEU B 574 23.74 -4.15 8.78
CA LEU B 574 23.07 -4.14 10.07
C LEU B 574 23.32 -5.44 10.82
N ILE B 575 23.48 -5.34 12.13
CA ILE B 575 23.67 -6.52 12.96
C ILE B 575 22.30 -7.13 13.28
N ASP B 576 22.21 -8.46 13.17
CA ASP B 576 20.93 -9.16 13.25
C ASP B 576 20.87 -10.04 14.49
N ARG B 577 21.58 -9.62 15.54
CA ARG B 577 21.56 -10.27 16.85
C ARG B 577 22.12 -11.70 16.81
N TRP B 578 22.58 -12.13 15.65
CA TRP B 578 23.37 -13.35 15.52
C TRP B 578 24.86 -13.04 15.51
N ASP B 579 25.23 -11.80 15.77
CA ASP B 579 26.62 -11.40 15.88
C ASP B 579 27.11 -11.22 17.31
N TYR B 580 26.21 -10.99 18.27
CA TYR B 580 26.58 -10.99 19.68
C TYR B 580 26.73 -12.38 20.24
N MET B 581 26.25 -13.41 19.55
CA MET B 581 26.32 -14.77 20.06
C MET B 581 27.47 -15.55 19.44
N THR B 582 27.90 -15.16 18.23
CA THR B 582 29.07 -15.75 17.60
C THR B 582 30.31 -14.91 17.94
N ALA B 583 30.11 -13.94 18.84
CA ALA B 583 31.23 -13.27 19.46
C ALA B 583 31.43 -13.73 20.90
N VAL B 584 30.55 -14.60 21.41
CA VAL B 584 30.73 -15.27 22.70
C VAL B 584 31.27 -16.69 22.52
N ALA B 585 30.80 -17.38 21.47
CA ALA B 585 31.33 -18.69 21.13
C ALA B 585 32.82 -18.63 20.79
N GLU B 586 33.30 -17.52 20.25
CA GLU B 586 34.72 -17.30 20.08
C GLU B 586 35.44 -17.01 21.39
N PHE B 587 34.75 -16.42 22.36
CA PHE B 587 35.32 -16.16 23.67
C PHE B 587 35.32 -17.38 24.57
N LEU B 588 34.28 -18.22 24.49
CA LEU B 588 34.23 -19.43 25.28
C LEU B 588 35.15 -20.53 24.75
N PHE B 589 35.38 -20.58 23.44
CA PHE B 589 36.29 -21.55 22.86
C PHE B 589 37.75 -21.22 23.12
N LEU B 590 38.09 -19.95 23.32
CA LEU B 590 39.46 -19.54 23.62
C LEU B 590 39.80 -19.68 25.10
N LEU B 591 38.80 -19.90 25.95
CA LEU B 591 39.05 -20.22 27.35
C LEU B 591 39.52 -21.66 27.54
N TRP B 592 39.14 -22.56 26.63
CA TRP B 592 39.71 -23.90 26.63
C TRP B 592 41.20 -23.89 26.31
N GLY B 593 41.64 -22.94 25.48
CA GLY B 593 43.05 -22.81 25.16
C GLY B 593 43.80 -22.07 26.23
N VAL B 594 43.08 -21.46 27.17
CA VAL B 594 43.72 -20.80 28.31
C VAL B 594 44.04 -21.79 29.42
N TYR B 595 43.13 -22.73 29.69
CA TYR B 595 43.43 -23.78 30.67
C TYR B 595 44.58 -24.66 30.22
N LEU B 596 44.65 -24.96 28.92
CA LEU B 596 45.74 -25.78 28.40
C LEU B 596 47.09 -25.09 28.50
N CYS B 597 47.11 -23.75 28.49
CA CYS B 597 48.36 -23.02 28.65
C CYS B 597 48.92 -23.10 30.06
N TYR B 598 48.12 -23.51 31.03
CA TYR B 598 48.57 -23.71 32.40
C TYR B 598 49.03 -25.13 32.67
N ALA B 599 48.44 -26.11 31.98
CA ALA B 599 48.85 -27.51 32.16
C ALA B 599 50.18 -27.82 31.49
N VAL B 600 50.59 -27.03 30.50
CA VAL B 600 51.85 -27.26 29.80
C VAL B 600 52.87 -26.22 30.27
N ARG B 601 52.61 -25.60 31.41
CA ARG B 601 53.48 -24.56 31.92
C ARG B 601 54.83 -25.10 32.36
N THR B 602 54.91 -26.37 32.75
CA THR B 602 56.14 -26.98 33.24
C THR B 602 56.46 -28.25 32.45
N VAL B 603 56.33 -28.17 31.14
CA VAL B 603 56.64 -29.28 30.24
C VAL B 603 57.87 -28.90 29.43
N PRO B 604 58.99 -29.62 29.57
CA PRO B 604 60.18 -29.30 28.77
C PRO B 604 59.90 -29.49 27.28
N SER B 605 60.49 -28.62 26.47
CA SER B 605 60.31 -28.64 25.03
C SER B 605 61.64 -28.36 24.35
N ALA B 606 61.77 -28.83 23.11
CA ALA B 606 63.00 -28.69 22.36
C ALA B 606 63.10 -27.37 21.61
N PHE B 607 61.97 -26.82 21.15
CA PHE B 607 61.96 -25.58 20.39
C PHE B 607 61.10 -24.50 21.03
N HIS B 608 60.61 -24.72 22.25
CA HIS B 608 59.78 -23.75 22.98
C HIS B 608 58.52 -23.39 22.19
N GLU B 609 58.05 -24.29 21.34
CA GLU B 609 56.82 -24.03 20.60
C GLU B 609 55.61 -23.83 21.49
N PRO B 610 55.36 -24.62 22.54
CA PRO B 610 54.21 -24.34 23.42
C PRO B 610 54.29 -22.99 24.12
N ARG B 611 55.44 -22.31 24.08
CA ARG B 611 55.55 -20.98 24.64
C ARG B 611 55.11 -19.89 23.67
N TYR B 612 55.24 -20.12 22.36
CA TYR B 612 54.73 -19.19 21.35
C TYR B 612 53.26 -19.41 21.04
N MET B 613 52.74 -20.63 21.23
CA MET B 613 51.32 -20.90 21.07
C MET B 613 50.51 -20.42 22.26
N ALA B 614 51.15 -19.99 23.34
CA ALA B 614 50.46 -19.43 24.49
C ALA B 614 50.27 -17.93 24.39
N VAL B 615 51.21 -17.22 23.77
CA VAL B 615 51.03 -15.79 23.55
C VAL B 615 49.95 -15.54 22.50
N ALA B 616 49.90 -16.35 21.45
CA ALA B 616 48.96 -16.17 20.36
C ALA B 616 47.51 -16.44 20.77
N VAL B 617 47.29 -17.12 21.89
CA VAL B 617 45.93 -17.32 22.39
C VAL B 617 45.53 -16.26 23.41
N HIS B 618 46.44 -15.83 24.28
CA HIS B 618 46.17 -14.75 25.22
C HIS B 618 46.09 -13.39 24.55
N ASN B 619 46.66 -13.24 23.35
CA ASN B 619 46.60 -12.01 22.58
C ASN B 619 45.36 -11.91 21.72
N GLU B 620 44.99 -13.00 21.05
CA GLU B 620 43.74 -13.02 20.29
C GLU B 620 42.53 -12.88 21.19
N LEU B 621 42.59 -13.38 22.42
CA LEU B 621 41.46 -13.30 23.35
C LEU B 621 41.17 -11.87 23.78
N ILE B 622 42.20 -11.03 23.89
CA ILE B 622 42.04 -9.70 24.47
C ILE B 622 41.68 -8.66 23.42
N ILE B 623 42.33 -8.68 22.26
CA ILE B 623 42.14 -7.62 21.27
C ILE B 623 41.03 -8.02 20.31
N SER B 624 40.27 -9.05 20.67
CA SER B 624 39.06 -9.39 19.94
C SER B 624 37.79 -9.13 20.73
N ALA B 625 37.85 -9.13 22.07
CA ALA B 625 36.73 -8.69 22.88
C ALA B 625 36.60 -7.18 22.88
N ILE B 626 37.71 -6.46 22.84
CA ILE B 626 37.68 -5.01 22.76
C ILE B 626 37.13 -4.56 21.41
N PHE B 627 37.56 -5.20 20.32
CA PHE B 627 37.10 -4.82 18.99
C PHE B 627 35.60 -5.03 18.83
N HIS B 628 35.09 -6.16 19.30
CA HIS B 628 33.66 -6.44 19.17
C HIS B 628 32.83 -5.45 19.98
N THR B 629 33.29 -5.07 21.17
CA THR B 629 32.58 -4.08 21.97
C THR B 629 32.51 -2.73 21.27
N ILE B 630 33.59 -2.30 20.62
CA ILE B 630 33.62 -1.04 19.89
C ILE B 630 32.72 -1.16 18.67
N ARG B 631 32.74 -2.32 18.01
CA ARG B 631 31.95 -2.54 16.81
C ARG B 631 30.45 -2.65 17.10
N PHE B 632 30.08 -3.03 18.32
CA PHE B 632 28.67 -3.19 18.67
C PHE B 632 28.04 -1.92 19.24
N VAL B 633 28.78 -1.18 20.06
CA VAL B 633 28.24 0.05 20.63
C VAL B 633 28.19 1.16 19.58
N LEU B 634 29.34 1.43 18.95
CA LEU B 634 29.42 2.47 17.92
C LEU B 634 29.15 1.87 16.54
N ALA B 635 27.97 1.27 16.40
CA ALA B 635 27.58 0.61 15.16
C ALA B 635 27.01 1.57 14.12
N SER B 636 26.38 2.66 14.54
CA SER B 636 25.77 3.61 13.62
C SER B 636 26.48 4.96 13.58
N ARG B 637 27.40 5.21 14.50
CA ARG B 637 28.15 6.46 14.53
C ARG B 637 29.49 6.36 13.80
N LEU B 638 29.79 5.23 13.18
CA LEU B 638 31.05 5.01 12.48
C LEU B 638 30.79 5.14 10.98
N GLN B 639 31.46 6.11 10.36
CA GLN B 639 31.34 6.29 8.91
C GLN B 639 31.96 5.11 8.18
N SER B 640 31.47 4.86 6.96
CA SER B 640 31.97 3.75 6.16
C SER B 640 33.46 3.86 5.88
N ASP B 641 34.03 5.06 5.94
CA ASP B 641 35.47 5.23 5.84
C ASP B 641 36.18 4.99 7.17
N TRP B 642 35.44 4.92 8.28
CA TRP B 642 36.00 4.66 9.59
C TRP B 642 35.79 3.22 10.04
N MET B 643 35.03 2.43 9.28
CA MET B 643 34.86 1.01 9.56
C MET B 643 35.89 0.16 8.84
N LEU B 644 36.76 0.77 8.03
CA LEU B 644 37.88 0.06 7.43
C LEU B 644 39.21 0.48 8.01
N MET B 645 39.24 1.49 8.88
CA MET B 645 40.39 1.76 9.72
C MET B 645 40.32 1.01 11.05
N LEU B 646 39.19 0.38 11.35
CA LEU B 646 39.06 -0.50 12.50
C LEU B 646 39.15 -1.97 12.13
N TYR B 647 38.71 -2.36 10.95
CA TYR B 647 38.93 -3.70 10.43
C TYR B 647 40.35 -3.91 9.92
N PHE B 648 41.12 -2.82 9.76
CA PHE B 648 42.51 -2.90 9.36
C PHE B 648 43.47 -2.92 10.53
N ALA B 649 43.10 -2.31 11.66
CA ALA B 649 43.90 -2.38 12.88
C ALA B 649 43.57 -3.60 13.73
N HIS B 650 42.50 -4.33 13.41
CA HIS B 650 42.20 -5.57 14.10
C HIS B 650 42.93 -6.75 13.47
N THR B 651 42.83 -6.90 12.16
CA THR B 651 43.41 -8.02 11.44
C THR B 651 44.93 -7.93 11.32
N HIS B 652 45.53 -6.83 11.77
CA HIS B 652 46.97 -6.69 11.77
C HIS B 652 47.58 -6.70 13.16
N LEU B 653 46.75 -6.79 14.21
CA LEU B 653 47.24 -6.94 15.57
C LEU B 653 46.89 -8.29 16.18
N THR B 654 46.14 -9.14 15.46
CA THR B 654 45.79 -10.46 15.97
C THR B 654 46.15 -11.55 14.97
N VAL B 655 46.12 -11.23 13.68
CA VAL B 655 46.35 -12.24 12.64
C VAL B 655 47.80 -12.20 12.17
N THR B 656 48.35 -11.00 12.00
CA THR B 656 49.73 -10.85 11.56
C THR B 656 50.73 -11.15 12.68
N VAL B 657 50.32 -11.08 13.95
CA VAL B 657 51.18 -11.46 15.06
C VAL B 657 50.98 -12.91 15.46
N THR B 658 50.04 -13.61 14.83
CA THR B 658 49.87 -15.04 15.03
C THR B 658 50.66 -15.89 14.05
N ILE B 659 50.74 -15.49 12.79
CA ILE B 659 51.61 -16.13 11.81
C ILE B 659 53.02 -15.56 11.85
N GLY B 660 53.26 -14.57 12.71
CA GLY B 660 54.60 -14.06 12.91
C GLY B 660 55.24 -14.68 14.13
N LEU B 661 54.43 -15.39 14.92
CA LEU B 661 54.91 -16.14 16.07
C LEU B 661 55.01 -17.63 15.83
N LEU B 662 54.25 -18.15 14.85
CA LEU B 662 54.25 -19.57 14.52
C LEU B 662 55.10 -19.90 13.31
N LEU B 663 55.75 -18.89 12.69
CA LEU B 663 56.50 -19.13 11.47
C LEU B 663 57.93 -18.61 11.58
N ILE B 664 58.12 -17.48 12.25
CA ILE B 664 59.43 -16.85 12.37
C ILE B 664 60.37 -17.73 13.19
N PRO B 665 59.97 -18.27 14.40
CA PRO B 665 60.86 -19.15 15.16
C PRO B 665 60.92 -20.58 14.62
N LYS B 666 60.99 -20.71 13.31
CA LYS B 666 61.14 -21.99 12.64
C LYS B 666 62.31 -21.98 11.66
N PHE B 667 62.57 -20.87 10.99
CA PHE B 667 63.70 -20.78 10.07
C PHE B 667 64.97 -20.36 10.81
N SER B 668 64.93 -19.22 11.49
CA SER B 668 66.04 -18.71 12.26
C SER B 668 65.67 -18.69 13.74
N HIS B 669 66.65 -18.34 14.58
CA HIS B 669 66.48 -18.28 16.02
C HIS B 669 66.00 -19.62 16.59
N SER B 670 66.55 -20.71 16.04
CA SER B 670 66.17 -22.05 16.48
C SER B 670 66.78 -22.37 17.83
#